data_4DMM
#
_entry.id   4DMM
#
_cell.length_a   63.9790
_cell.length_b   116.9240
_cell.length_c   125.5170
_cell.angle_alpha   90.00
_cell.angle_beta   90.00
_cell.angle_gamma   90.00
#
_symmetry.space_group_name_H-M   'P 21 21 21'
#
loop_
_entity.id
_entity.type
_entity.pdbx_description
1 polymer '3-oxoacyl-[acyl-carrier-protein] reductase'
2 non-polymer 'SULFATE ION'
3 non-polymer 'NADP NICOTINAMIDE-ADENINE-DINUCLEOTIDE PHOSPHATE'
4 water water
#
_entity_poly.entity_id   1
_entity_poly.type   'polypeptide(L)'
_entity_poly.pdbx_seq_one_letter_code
;MGSSHHHHHHSSGLVPRGSHMTALPLTDRIALVTGASRGIGRAIALELAAAGAKVAVNYASSAGAADEVVAAIAAAGGEA
FAVKADVSQESEVEALFAAVIERWGRLDVLVNNAGITRDTLLLRMKRDDWQSVLDLNLGGVFLCSRAAAKIMLKQRSGRI
INIASVVGEMGNPGQANYSAAKAGVIGLTKTVAKELASRGITVNAVAPGFIATDMTSELAAEKLLEVIPLGRYGEAAEVA
GVVRFLAADPAAAYITGQVINIDGGLVMA
;
_entity_poly.pdbx_strand_id   A,B,C,D
#
loop_
_chem_comp.id
_chem_comp.type
_chem_comp.name
_chem_comp.formula
NAP non-polymer 'NADP NICOTINAMIDE-ADENINE-DINUCLEOTIDE PHOSPHATE' 'C21 H28 N7 O17 P3'
SO4 non-polymer 'SULFATE ION' 'O4 S -2'
#
# COMPACT_ATOMS: atom_id res chain seq x y z
N LEU A 24 -14.10 18.84 27.40
CA LEU A 24 -13.68 19.11 25.96
C LEU A 24 -12.22 18.85 25.70
N PRO A 25 -11.92 17.91 24.78
CA PRO A 25 -10.54 17.33 24.71
C PRO A 25 -9.40 18.27 24.36
N LEU A 26 -9.66 19.40 23.71
CA LEU A 26 -8.57 20.38 23.43
C LEU A 26 -8.58 21.70 24.29
N THR A 27 -9.41 21.71 25.36
CA THR A 27 -9.37 22.81 26.30
C THR A 27 -7.96 23.01 26.78
N ASP A 28 -7.48 24.25 26.69
CA ASP A 28 -6.14 24.61 27.09
C ASP A 28 -5.04 24.14 26.12
N ARG A 29 -5.45 23.69 24.93
CA ARG A 29 -4.51 23.36 23.88
C ARG A 29 -4.45 24.40 22.75
N ILE A 30 -3.32 24.46 22.06
CA ILE A 30 -3.17 25.40 20.95
C ILE A 30 -3.05 24.66 19.62
N ALA A 31 -3.84 25.05 18.63
CA ALA A 31 -3.74 24.44 17.29
C ALA A 31 -3.33 25.52 16.30
N LEU A 32 -2.48 25.17 15.37
CA LEU A 32 -2.11 26.10 14.30
C LEU A 32 -2.55 25.37 13.04
N VAL A 33 -3.40 25.98 12.20
CA VAL A 33 -3.79 25.39 10.98
C VAL A 33 -3.25 26.28 9.85
N THR A 34 -2.42 25.71 8.95
CA THR A 34 -1.94 26.49 7.80
C THR A 34 -2.93 26.47 6.66
N GLY A 35 -2.96 27.56 5.88
CA GLY A 35 -3.99 27.78 4.81
C GLY A 35 -5.42 27.57 5.30
N ALA A 36 -5.81 28.22 6.40
CA ALA A 36 -7.13 28.00 6.98
C ALA A 36 -8.21 29.01 6.62
N SER A 37 -8.05 29.80 5.58
CA SER A 37 -9.07 30.84 5.30
C SER A 37 -10.37 30.27 4.74
N ARG A 38 -10.24 29.14 4.04
CA ARG A 38 -11.40 28.50 3.38
C ARG A 38 -11.26 27.01 3.19
N GLY A 39 -12.34 26.40 2.67
CA GLY A 39 -12.41 24.99 2.38
C GLY A 39 -12.08 24.07 3.55
N ILE A 40 -11.32 23.03 3.29
CA ILE A 40 -10.90 22.06 4.28
C ILE A 40 -10.18 22.73 5.47
N GLY A 41 -9.29 23.67 5.18
CA GLY A 41 -8.54 24.34 6.24
C GLY A 41 -9.46 25.15 7.19
N ARG A 42 -10.39 25.92 6.62
CA ARG A 42 -11.40 26.58 7.43
C ARG A 42 -12.18 25.56 8.25
N ALA A 43 -12.59 24.46 7.62
CA ALA A 43 -13.44 23.52 8.35
C ALA A 43 -12.63 22.98 9.55
N ILE A 44 -11.35 22.70 9.33
CA ILE A 44 -10.48 22.15 10.39
C ILE A 44 -10.31 23.12 11.56
N ALA A 45 -10.08 24.40 11.26
CA ALA A 45 -9.99 25.43 12.26
C ALA A 45 -11.23 25.45 13.18
N LEU A 46 -12.42 25.46 12.55
CA LEU A 46 -13.72 25.41 13.25
C LEU A 46 -13.88 24.17 14.14
N GLU A 47 -13.57 22.98 13.62
CA GLU A 47 -13.72 21.75 14.36
C GLU A 47 -12.72 21.64 15.52
N LEU A 48 -11.47 22.09 15.35
CA LEU A 48 -10.55 22.15 16.47
C LEU A 48 -11.04 23.17 17.57
N ALA A 49 -11.56 24.34 17.14
CA ALA A 49 -12.14 25.32 18.10
C ALA A 49 -13.34 24.66 18.76
N ALA A 50 -14.21 24.00 17.99
CA ALA A 50 -15.40 23.38 18.59
C ALA A 50 -14.98 22.45 19.73
N ALA A 51 -13.80 21.83 19.58
CA ALA A 51 -13.36 20.83 20.48
C ALA A 51 -12.54 21.43 21.62
N GLY A 52 -12.46 22.78 21.65
CA GLY A 52 -11.89 23.52 22.78
C GLY A 52 -10.54 24.20 22.62
N ALA A 53 -9.90 24.04 21.45
CA ALA A 53 -8.57 24.58 21.19
C ALA A 53 -8.61 26.08 20.93
N LYS A 54 -7.54 26.78 21.27
CA LYS A 54 -7.35 28.09 20.68
C LYS A 54 -6.65 27.87 19.34
N VAL A 55 -7.15 28.47 18.27
CA VAL A 55 -6.69 28.16 16.95
C VAL A 55 -6.02 29.37 16.33
N ALA A 56 -4.80 29.20 15.82
CA ALA A 56 -4.18 30.21 15.01
C ALA A 56 -4.53 29.88 13.56
N VAL A 57 -5.15 30.85 12.90
CA VAL A 57 -5.72 30.66 11.58
C VAL A 57 -4.78 31.39 10.66
N ASN A 58 -3.92 30.63 10.01
CA ASN A 58 -2.99 31.14 9.06
C ASN A 58 -3.55 31.34 7.65
N TYR A 59 -3.13 32.44 7.02
CA TYR A 59 -3.51 32.72 5.62
C TYR A 59 -2.32 33.36 4.93
N ALA A 60 -2.35 33.43 3.61
CA ALA A 60 -1.33 34.12 2.81
C ALA A 60 -1.98 35.30 2.09
N SER A 61 -3.07 35.11 1.39
CA SER A 61 -3.76 36.30 0.76
C SER A 61 -5.23 36.50 1.11
N SER A 62 -5.94 35.43 1.47
CA SER A 62 -7.35 35.56 1.81
C SER A 62 -7.70 36.17 3.19
N ALA A 63 -7.44 37.45 3.37
CA ALA A 63 -7.49 38.05 4.72
C ALA A 63 -8.94 38.20 5.21
N GLY A 64 -9.82 38.69 4.31
CA GLY A 64 -11.23 38.80 4.60
C GLY A 64 -11.79 37.44 4.99
N ALA A 65 -11.51 36.40 4.19
CA ALA A 65 -12.03 35.08 4.54
C ALA A 65 -11.42 34.67 5.86
N ALA A 66 -10.13 34.94 6.06
CA ALA A 66 -9.51 34.50 7.33
C ALA A 66 -10.15 35.14 8.57
N ASP A 67 -10.46 36.41 8.46
CA ASP A 67 -11.22 37.13 9.49
C ASP A 67 -12.57 36.54 9.80
N GLU A 68 -13.28 36.11 8.75
CA GLU A 68 -14.52 35.36 8.93
C GLU A 68 -14.41 34.12 9.78
N VAL A 69 -13.31 33.35 9.57
CA VAL A 69 -13.03 32.13 10.33
C VAL A 69 -12.82 32.44 11.81
N VAL A 70 -12.05 33.48 12.10
CA VAL A 70 -11.81 33.96 13.47
C VAL A 70 -13.13 34.40 14.09
N ALA A 71 -13.91 35.16 13.33
CA ALA A 71 -15.22 35.66 13.80
C ALA A 71 -16.14 34.52 14.14
N ALA A 72 -16.26 33.54 13.24
CA ALA A 72 -17.05 32.34 13.58
C ALA A 72 -16.53 31.54 14.78
N ILE A 73 -15.23 31.60 15.07
CA ILE A 73 -14.79 30.87 16.24
C ILE A 73 -15.13 31.68 17.45
N ALA A 74 -14.87 32.99 17.40
CA ALA A 74 -15.31 33.93 18.44
C ALA A 74 -16.83 33.77 18.76
N ALA A 75 -17.63 33.78 17.69
CA ALA A 75 -19.11 33.63 17.77
C ALA A 75 -19.58 32.39 18.54
N ALA A 76 -19.04 31.23 18.21
CA ALA A 76 -19.37 29.98 18.91
C ALA A 76 -18.71 29.85 20.28
N GLY A 77 -18.01 30.89 20.76
CA GLY A 77 -17.43 30.92 22.12
C GLY A 77 -15.92 30.64 22.23
N GLY A 78 -15.25 30.31 21.12
CA GLY A 78 -13.80 30.03 21.19
C GLY A 78 -12.85 31.21 21.11
N GLU A 79 -11.54 30.93 21.07
CA GLU A 79 -10.51 31.93 20.86
C GLU A 79 -9.72 31.52 19.63
N ALA A 80 -9.41 32.52 18.79
CA ALA A 80 -8.73 32.36 17.53
C ALA A 80 -8.01 33.66 17.22
N PHE A 81 -6.99 33.64 16.37
CA PHE A 81 -6.50 34.87 15.72
C PHE A 81 -5.95 34.54 14.38
N ALA A 82 -5.94 35.53 13.51
CA ALA A 82 -5.44 35.29 12.19
C ALA A 82 -3.97 35.72 12.15
N VAL A 83 -3.11 34.93 11.50
CA VAL A 83 -1.72 35.29 11.31
C VAL A 83 -1.41 35.13 9.84
N LYS A 84 -0.86 36.19 9.25
CA LYS A 84 -0.44 36.19 7.86
C LYS A 84 0.94 35.60 7.76
N ALA A 85 1.14 34.73 6.78
CA ALA A 85 2.44 34.09 6.55
C ALA A 85 2.34 33.17 5.35
N ASP A 86 3.35 33.31 4.50
CA ASP A 86 3.56 32.47 3.35
C ASP A 86 4.50 31.34 3.72
N VAL A 87 3.91 30.15 3.76
CA VAL A 87 4.45 29.03 4.47
C VAL A 87 5.55 28.33 3.64
N SER A 88 5.71 28.78 2.41
CA SER A 88 6.82 28.31 1.62
C SER A 88 8.07 29.11 1.95
N GLN A 89 7.95 30.14 2.81
CA GLN A 89 9.11 31.05 3.04
C GLN A 89 9.71 30.82 4.42
N GLU A 90 10.98 30.43 4.44
CA GLU A 90 11.55 30.05 5.73
C GLU A 90 11.38 31.11 6.89
N SER A 91 11.71 32.40 6.66
CA SER A 91 11.55 33.39 7.74
C SER A 91 10.11 33.73 8.08
N GLU A 92 9.22 33.57 7.12
CA GLU A 92 7.80 33.76 7.39
C GLU A 92 7.32 32.65 8.31
N VAL A 93 7.85 31.46 8.14
CA VAL A 93 7.45 30.34 8.99
C VAL A 93 8.03 30.58 10.39
N GLU A 94 9.21 31.13 10.43
CA GLU A 94 9.80 31.44 11.75
C GLU A 94 8.92 32.41 12.49
N ALA A 95 8.45 33.44 11.78
CA ALA A 95 7.64 34.52 12.46
C ALA A 95 6.25 33.99 12.79
N LEU A 96 5.72 33.15 11.91
CA LEU A 96 4.45 32.46 12.21
C LEU A 96 4.50 31.72 13.52
N PHE A 97 5.51 30.88 13.73
CA PHE A 97 5.55 30.11 14.99
C PHE A 97 5.84 31.03 16.19
N ALA A 98 6.75 31.99 15.98
CA ALA A 98 7.06 32.98 17.02
C ALA A 98 5.77 33.71 17.47
N ALA A 99 4.83 33.91 16.56
CA ALA A 99 3.62 34.70 16.90
C ALA A 99 2.68 33.89 17.79
N VAL A 100 2.53 32.61 17.42
CA VAL A 100 1.80 31.64 18.22
C VAL A 100 2.37 31.45 19.63
N ILE A 101 3.67 31.16 19.77
CA ILE A 101 4.26 31.03 21.11
C ILE A 101 4.14 32.34 21.89
N GLU A 102 4.35 33.49 21.24
CA GLU A 102 4.19 34.80 21.94
C GLU A 102 2.75 35.03 22.47
N ARG A 103 1.72 34.74 21.64
CA ARG A 103 0.33 34.88 22.09
C ARG A 103 -0.02 33.86 23.17
N TRP A 104 0.33 32.58 22.96
CA TRP A 104 -0.12 31.56 23.90
C TRP A 104 0.89 30.66 24.59
N GLY A 105 2.17 30.69 24.21
CA GLY A 105 3.25 29.98 25.01
C GLY A 105 3.53 28.49 24.70
N ARG A 106 2.72 27.91 23.81
CA ARG A 106 2.77 26.47 23.50
C ARG A 106 2.09 26.12 22.14
N LEU A 107 2.35 24.91 21.64
CA LEU A 107 1.71 24.45 20.41
C LEU A 107 1.48 22.97 20.55
N ASP A 108 0.21 22.55 20.63
CA ASP A 108 -0.16 21.15 20.77
C ASP A 108 -0.51 20.45 19.46
N VAL A 109 -1.13 21.19 18.54
CA VAL A 109 -1.55 20.61 17.30
C VAL A 109 -1.15 21.51 16.09
N LEU A 110 -0.45 20.90 15.12
CA LEU A 110 -0.17 21.58 13.86
C LEU A 110 -0.86 20.76 12.77
N VAL A 111 -1.67 21.43 11.94
CA VAL A 111 -2.22 20.85 10.75
C VAL A 111 -1.62 21.61 9.57
N ASN A 112 -0.79 20.91 8.80
CA ASN A 112 -0.30 21.42 7.52
C ASN A 112 -1.36 21.18 6.44
N ASN A 113 -2.11 22.23 6.14
CA ASN A 113 -3.14 22.17 5.14
C ASN A 113 -2.87 23.03 3.90
N ALA A 114 -2.10 24.10 4.04
CA ALA A 114 -1.87 24.96 2.87
C ALA A 114 -1.28 24.22 1.68
N GLY A 115 -1.87 24.48 0.49
CA GLY A 115 -1.49 23.87 -0.80
C GLY A 115 -2.15 24.58 -1.98
N ILE A 116 -1.53 24.49 -3.17
CA ILE A 116 -2.10 24.99 -4.41
C ILE A 116 -1.97 23.87 -5.48
N THR A 117 -2.79 23.95 -6.53
CA THR A 117 -2.61 23.17 -7.76
C THR A 117 -2.23 24.11 -8.90
N ARG A 118 -1.49 23.59 -9.87
CA ARG A 118 -1.15 24.30 -11.11
C ARG A 118 -1.16 23.22 -12.16
N ASP A 119 -2.37 22.84 -12.58
CA ASP A 119 -2.60 21.61 -13.33
C ASP A 119 -2.15 21.84 -14.73
N THR A 120 -1.60 20.81 -15.34
CA THR A 120 -1.16 20.89 -16.72
C THR A 120 -0.60 19.49 -16.97
N LEU A 121 -0.81 18.95 -18.17
CA LEU A 121 -0.19 17.68 -18.56
C LEU A 121 1.32 17.86 -18.45
N LEU A 122 2.08 16.81 -18.17
CA LEU A 122 3.53 16.92 -17.96
C LEU A 122 4.23 17.56 -19.16
N LEU A 123 3.91 17.13 -20.36
CA LEU A 123 4.50 17.62 -21.60
C LEU A 123 4.57 19.18 -21.59
N ARG A 124 3.51 19.82 -21.07
CA ARG A 124 3.36 21.27 -21.15
C ARG A 124 3.67 21.94 -19.80
N MET A 125 4.04 21.14 -18.80
CA MET A 125 4.24 21.66 -17.45
C MET A 125 5.48 22.56 -17.40
N LYS A 126 5.31 23.82 -17.02
CA LYS A 126 6.45 24.73 -17.01
C LYS A 126 7.13 24.59 -15.65
N ARG A 127 8.43 24.82 -15.60
CA ARG A 127 9.18 24.67 -14.33
C ARG A 127 8.59 25.45 -13.13
N ASP A 128 8.15 26.67 -13.37
CA ASP A 128 7.53 27.40 -12.27
C ASP A 128 6.21 26.80 -11.78
N ASP A 129 5.49 26.07 -12.63
CA ASP A 129 4.28 25.40 -12.17
C ASP A 129 4.65 24.15 -11.32
N TRP A 130 5.77 23.52 -11.62
CA TRP A 130 6.31 22.47 -10.81
C TRP A 130 6.81 23.03 -9.48
N GLN A 131 7.63 24.08 -9.55
CA GLN A 131 8.33 24.59 -8.36
C GLN A 131 7.43 25.21 -7.29
N SER A 132 6.43 25.93 -7.70
CA SER A 132 5.62 26.64 -6.75
C SER A 132 4.72 25.70 -5.99
N VAL A 133 4.32 24.63 -6.65
CA VAL A 133 3.51 23.57 -6.03
C VAL A 133 4.39 22.75 -5.07
N LEU A 134 5.58 22.37 -5.52
CA LEU A 134 6.53 21.66 -4.63
C LEU A 134 6.94 22.48 -3.38
N ASP A 135 7.26 23.77 -3.56
CA ASP A 135 7.75 24.67 -2.48
C ASP A 135 6.72 24.87 -1.42
N LEU A 136 5.50 25.15 -1.84
CA LEU A 136 4.38 25.29 -0.91
C LEU A 136 3.84 23.96 -0.31
N ASN A 137 3.38 23.02 -1.16
CA ASN A 137 2.76 21.78 -0.70
C ASN A 137 3.72 20.84 0.02
N LEU A 138 4.99 20.82 -0.39
CA LEU A 138 5.97 19.95 0.26
C LEU A 138 6.91 20.75 1.14
N GLY A 139 7.54 21.78 0.56
CA GLY A 139 8.47 22.61 1.35
C GLY A 139 7.84 23.21 2.60
N GLY A 140 6.58 23.67 2.48
CA GLY A 140 5.86 24.25 3.62
C GLY A 140 5.69 23.23 4.74
N VAL A 141 5.47 21.97 4.33
CA VAL A 141 5.26 20.91 5.34
C VAL A 141 6.55 20.67 6.06
N PHE A 142 7.64 20.72 5.29
CA PHE A 142 8.99 20.61 5.87
C PHE A 142 9.27 21.74 6.87
N LEU A 143 9.14 22.99 6.41
CA LEU A 143 9.38 24.16 7.25
C LEU A 143 8.53 24.15 8.56
N CYS A 144 7.24 23.89 8.41
CA CYS A 144 6.36 23.91 9.56
C CYS A 144 6.55 22.67 10.41
N SER A 145 6.82 21.52 9.82
CA SER A 145 7.08 20.37 10.69
C SER A 145 8.38 20.63 11.51
N ARG A 146 9.41 21.20 10.87
CA ARG A 146 10.67 21.46 11.56
C ARG A 146 10.43 22.37 12.76
N ALA A 147 9.75 23.47 12.50
CA ALA A 147 9.47 24.41 13.61
C ALA A 147 8.58 23.73 14.65
N ALA A 148 7.59 22.94 14.25
CA ALA A 148 6.76 22.34 15.29
C ALA A 148 7.59 21.41 16.18
N ALA A 149 8.51 20.64 15.56
CA ALA A 149 9.26 19.60 16.23
C ALA A 149 10.05 20.19 17.38
N LYS A 150 10.71 21.30 17.12
CA LYS A 150 11.46 22.00 18.15
C LYS A 150 10.61 22.28 19.37
N ILE A 151 9.47 22.90 19.18
CA ILE A 151 8.60 23.26 20.27
C ILE A 151 8.07 22.00 20.91
N MET A 152 7.66 21.02 20.10
CA MET A 152 7.01 19.82 20.65
C MET A 152 7.94 18.88 21.35
N LEU A 153 9.17 18.82 20.86
CA LEU A 153 10.20 18.08 21.57
C LEU A 153 10.44 18.69 22.93
N LYS A 154 10.55 20.01 22.99
CA LYS A 154 10.69 20.68 24.31
C LYS A 154 9.50 20.38 25.23
N GLN A 155 8.27 20.30 24.69
CA GLN A 155 7.10 20.00 25.52
C GLN A 155 7.01 18.54 25.88
N ARG A 156 7.68 17.69 25.09
CA ARG A 156 7.42 16.22 25.06
C ARG A 156 5.95 15.89 24.85
N SER A 157 5.29 16.70 24.01
CA SER A 157 3.98 16.33 23.57
C SER A 157 3.64 17.05 22.31
N GLY A 158 2.70 16.50 21.56
CA GLY A 158 2.24 17.18 20.37
C GLY A 158 1.63 16.20 19.40
N ARG A 159 0.91 16.73 18.44
CA ARG A 159 0.40 15.92 17.32
C ARG A 159 0.49 16.77 16.08
N ILE A 160 1.04 16.18 15.02
CA ILE A 160 1.11 16.88 13.70
C ILE A 160 0.23 16.08 12.75
N ILE A 161 -0.65 16.80 12.00
CA ILE A 161 -1.47 16.16 10.98
C ILE A 161 -1.27 16.89 9.68
N ASN A 162 -0.86 16.14 8.65
CA ASN A 162 -0.60 16.71 7.38
C ASN A 162 -1.72 16.33 6.42
N ILE A 163 -2.26 17.28 5.67
CA ILE A 163 -3.27 16.97 4.72
C ILE A 163 -2.59 16.57 3.39
N ALA A 164 -2.72 15.32 3.01
CA ALA A 164 -2.10 14.92 1.76
C ALA A 164 -3.29 14.80 0.84
N SER A 165 -3.43 13.71 0.10
CA SER A 165 -4.52 13.68 -0.92
C SER A 165 -4.38 12.41 -1.66
N VAL A 166 -5.50 11.79 -2.00
CA VAL A 166 -5.42 10.48 -2.72
C VAL A 166 -4.67 10.58 -4.05
N VAL A 167 -4.53 11.79 -4.57
CA VAL A 167 -3.84 11.94 -5.83
C VAL A 167 -2.40 11.51 -5.61
N GLY A 168 -1.93 11.60 -4.35
CA GLY A 168 -0.55 11.29 -4.04
C GLY A 168 -0.40 9.80 -4.04
N GLU A 169 -1.47 9.08 -3.73
CA GLU A 169 -1.38 7.63 -3.65
C GLU A 169 -1.61 6.98 -5.03
N MET A 170 -2.41 7.63 -5.87
CA MET A 170 -2.83 6.95 -7.09
C MET A 170 -2.35 7.63 -8.39
N GLY A 171 -1.89 8.89 -8.29
CA GLY A 171 -1.50 9.68 -9.47
C GLY A 171 -2.74 10.19 -10.18
N ASN A 172 -2.58 11.12 -11.10
CA ASN A 172 -3.73 11.76 -11.70
C ASN A 172 -3.26 12.67 -12.79
N PRO A 173 -3.65 12.37 -14.03
CA PRO A 173 -3.24 13.18 -15.21
C PRO A 173 -3.39 14.66 -14.96
N GLY A 174 -2.45 15.43 -15.41
CA GLY A 174 -2.57 16.84 -15.21
C GLY A 174 -1.93 17.36 -13.94
N GLN A 175 -1.54 16.46 -13.04
CA GLN A 175 -1.20 16.80 -11.65
C GLN A 175 0.08 16.11 -11.12
N ALA A 176 1.08 16.02 -12.02
CA ALA A 176 2.35 15.43 -11.68
C ALA A 176 3.03 16.19 -10.54
N ASN A 177 2.95 17.55 -10.57
CA ASN A 177 3.41 18.41 -9.47
C ASN A 177 2.61 18.17 -8.18
N TYR A 178 1.29 18.20 -8.25
CA TYR A 178 0.47 18.04 -7.02
C TYR A 178 0.67 16.66 -6.43
N SER A 179 0.59 15.63 -7.27
CA SER A 179 0.78 14.29 -6.76
C SER A 179 2.22 13.97 -6.26
N ALA A 180 3.26 14.39 -6.99
CA ALA A 180 4.57 14.31 -6.40
C ALA A 180 4.60 14.99 -5.02
N ALA A 181 3.94 16.12 -4.87
CA ALA A 181 4.09 16.83 -3.61
C ALA A 181 3.38 16.09 -2.48
N LYS A 182 2.18 15.61 -2.79
CA LYS A 182 1.37 15.02 -1.75
C LYS A 182 1.89 13.66 -1.40
N ALA A 183 2.51 12.97 -2.37
CA ALA A 183 3.20 11.74 -2.06
C ALA A 183 4.43 12.02 -1.17
N GLY A 184 5.08 13.14 -1.46
CA GLY A 184 6.28 13.50 -0.70
C GLY A 184 5.84 13.82 0.70
N VAL A 185 4.62 14.41 0.85
CA VAL A 185 4.11 14.73 2.18
C VAL A 185 3.88 13.36 2.94
N ILE A 186 3.32 12.38 2.26
CA ILE A 186 3.18 11.09 2.93
C ILE A 186 4.54 10.50 3.38
N GLY A 187 5.56 10.54 2.53
CA GLY A 187 6.84 10.01 2.97
C GLY A 187 7.40 10.76 4.16
N LEU A 188 7.21 12.09 4.13
CA LEU A 188 7.77 12.99 5.13
C LEU A 188 7.08 12.66 6.45
N THR A 189 5.77 12.55 6.38
CA THR A 189 4.97 12.14 7.53
C THR A 189 5.54 10.98 8.29
N LYS A 190 5.95 9.95 7.57
CA LYS A 190 6.41 8.69 8.20
C LYS A 190 7.80 8.88 8.87
N THR A 191 8.72 9.52 8.17
CA THR A 191 9.98 9.84 8.73
C THR A 191 9.82 10.68 10.02
N VAL A 192 9.00 11.70 9.97
CA VAL A 192 8.83 12.54 11.14
C VAL A 192 8.16 11.79 12.28
N ALA A 193 7.17 10.92 11.96
CA ALA A 193 6.64 9.98 12.95
C ALA A 193 7.74 9.18 13.64
N LYS A 194 8.66 8.62 12.88
CA LYS A 194 9.72 7.82 13.48
C LYS A 194 10.64 8.68 14.33
N GLU A 195 10.94 9.91 13.92
CA GLU A 195 11.90 10.76 14.71
C GLU A 195 11.26 11.26 16.00
N LEU A 196 9.95 11.52 16.01
CA LEU A 196 9.32 12.14 17.15
C LEU A 196 8.60 11.11 18.05
N ALA A 197 8.51 9.85 17.61
CA ALA A 197 7.81 8.86 18.38
C ALA A 197 8.33 8.70 19.82
N SER A 198 9.60 8.95 20.07
CA SER A 198 10.06 8.51 21.41
C SER A 198 9.58 9.48 22.52
N ARG A 199 9.07 10.65 22.10
CA ARG A 199 8.44 11.59 23.02
C ARG A 199 6.91 11.51 23.02
N GLY A 200 6.33 10.51 22.37
CA GLY A 200 4.92 10.38 22.39
C GLY A 200 4.25 11.36 21.40
N ILE A 201 5.03 12.02 20.53
CA ILE A 201 4.44 12.94 19.55
C ILE A 201 3.93 12.17 18.31
N THR A 202 2.68 12.36 17.94
CA THR A 202 2.19 11.57 16.79
C THR A 202 2.22 12.41 15.51
N VAL A 203 2.46 11.75 14.38
CA VAL A 203 2.53 12.45 13.11
C VAL A 203 1.82 11.59 12.07
N ASN A 204 0.72 12.10 11.53
CA ASN A 204 -0.18 11.35 10.66
C ASN A 204 -0.63 12.18 9.45
N ALA A 205 -1.22 11.51 8.46
CA ALA A 205 -1.74 12.26 7.30
C ALA A 205 -3.18 11.87 7.09
N VAL A 206 -3.96 12.86 6.64
CA VAL A 206 -5.33 12.65 6.16
C VAL A 206 -5.31 12.90 4.67
N ALA A 207 -5.79 11.91 3.90
CA ALA A 207 -5.78 11.99 2.44
C ALA A 207 -7.23 12.10 1.97
N PRO A 208 -7.72 13.34 1.71
CA PRO A 208 -9.05 13.56 1.14
C PRO A 208 -9.14 13.09 -0.29
N GLY A 209 -10.34 12.63 -0.68
CA GLY A 209 -10.63 12.42 -2.07
C GLY A 209 -11.14 13.71 -2.69
N PHE A 210 -12.27 13.64 -3.38
CA PHE A 210 -12.83 14.87 -4.00
C PHE A 210 -13.84 15.45 -3.06
N ILE A 211 -13.59 16.66 -2.63
CA ILE A 211 -14.40 17.30 -1.64
C ILE A 211 -15.14 18.41 -2.37
N ALA A 212 -16.47 18.38 -2.23
CA ALA A 212 -17.43 19.26 -2.89
C ALA A 212 -17.01 20.69 -3.13
N THR A 213 -16.44 21.33 -2.10
CA THR A 213 -16.17 22.79 -2.11
C THR A 213 -14.70 23.20 -1.99
N ASP A 214 -13.81 22.23 -2.21
CA ASP A 214 -12.36 22.38 -2.01
C ASP A 214 -11.80 21.26 -2.87
N MET A 215 -12.11 21.40 -4.16
CA MET A 215 -11.94 20.33 -5.10
C MET A 215 -10.48 20.37 -5.62
N THR A 216 -9.75 19.27 -5.48
CA THR A 216 -8.32 19.24 -5.82
C THR A 216 -8.14 19.10 -7.35
N SER A 217 -9.08 18.41 -7.97
CA SER A 217 -9.15 18.31 -9.41
C SER A 217 -10.61 18.29 -9.87
N GLU A 218 -11.17 19.47 -10.16
CA GLU A 218 -12.63 19.60 -10.54
C GLU A 218 -12.95 18.76 -11.82
N LEU A 219 -11.96 18.71 -12.71
CA LEU A 219 -11.97 17.96 -13.98
C LEU A 219 -12.01 16.41 -13.77
N ALA A 220 -11.20 15.92 -12.83
CA ALA A 220 -11.14 14.47 -12.54
C ALA A 220 -12.32 13.92 -11.67
N ALA A 221 -12.90 14.81 -10.86
CA ALA A 221 -14.07 14.48 -10.06
C ALA A 221 -15.23 13.98 -10.94
N GLU A 222 -15.60 14.82 -11.93
CA GLU A 222 -16.57 14.53 -13.01
C GLU A 222 -16.36 13.13 -13.61
N LYS A 223 -15.17 12.92 -14.19
CA LYS A 223 -14.82 11.64 -14.85
C LYS A 223 -14.87 10.46 -13.88
N LEU A 224 -14.60 10.71 -12.60
CA LEU A 224 -14.44 9.63 -11.62
C LEU A 224 -15.58 9.44 -10.56
N LEU A 225 -16.49 10.44 -10.44
CA LEU A 225 -17.78 10.31 -9.70
C LEU A 225 -18.49 8.96 -9.87
N GLU A 226 -18.51 8.44 -11.10
CA GLU A 226 -19.03 7.11 -11.41
C GLU A 226 -18.38 5.96 -10.60
N VAL A 227 -17.09 6.08 -10.32
CA VAL A 227 -16.40 5.11 -9.49
C VAL A 227 -15.97 5.61 -8.05
N ILE A 228 -16.64 6.63 -7.52
CA ILE A 228 -16.65 6.84 -6.08
C ILE A 228 -17.75 5.91 -5.55
N PRO A 229 -17.35 4.81 -4.88
CA PRO A 229 -18.36 3.84 -4.39
C PRO A 229 -19.52 4.49 -3.64
N LEU A 230 -19.28 5.50 -2.80
CA LEU A 230 -20.39 6.15 -2.04
C LEU A 230 -21.30 7.11 -2.85
N GLY A 231 -20.92 7.39 -4.08
CA GLY A 231 -21.78 8.09 -5.01
C GLY A 231 -21.85 9.61 -4.90
N ARG A 232 -20.96 10.22 -4.12
CA ARG A 232 -21.00 11.68 -3.95
C ARG A 232 -19.63 12.21 -3.62
N TYR A 233 -19.50 13.51 -3.53
CA TYR A 233 -18.26 14.11 -3.16
C TYR A 233 -18.26 14.19 -1.66
N GLY A 234 -17.08 14.32 -1.07
CA GLY A 234 -17.02 14.52 0.39
C GLY A 234 -17.33 15.97 0.77
N GLU A 235 -17.54 16.23 2.07
CA GLU A 235 -17.71 17.59 2.57
C GLU A 235 -16.45 18.02 3.35
N ALA A 236 -16.13 19.31 3.29
CA ALA A 236 -15.02 19.87 4.10
C ALA A 236 -15.18 19.48 5.60
N ALA A 237 -16.40 19.58 6.11
CA ALA A 237 -16.64 19.25 7.52
C ALA A 237 -16.31 17.76 7.88
N GLU A 238 -16.51 16.85 6.93
CA GLU A 238 -16.05 15.47 7.12
C GLU A 238 -14.52 15.28 7.23
N VAL A 239 -13.73 15.96 6.39
CA VAL A 239 -12.31 15.84 6.47
C VAL A 239 -11.91 16.36 7.83
N ALA A 240 -12.55 17.43 8.29
CA ALA A 240 -12.19 18.11 9.55
C ALA A 240 -12.43 17.19 10.76
N GLY A 241 -13.47 16.38 10.68
CA GLY A 241 -13.69 15.40 11.75
C GLY A 241 -12.60 14.33 11.94
N VAL A 242 -12.03 13.81 10.84
CA VAL A 242 -10.96 12.81 10.90
C VAL A 242 -9.78 13.53 11.48
N VAL A 243 -9.60 14.79 11.08
CA VAL A 243 -8.48 15.57 11.62
C VAL A 243 -8.65 15.79 13.14
N ARG A 244 -9.84 16.17 13.57
CA ARG A 244 -10.10 16.35 14.99
C ARG A 244 -9.90 15.06 15.76
N PHE A 245 -10.39 13.94 15.25
CA PHE A 245 -10.13 12.67 15.89
C PHE A 245 -8.61 12.42 16.10
N LEU A 246 -7.80 12.61 15.07
CA LEU A 246 -6.37 12.36 15.17
C LEU A 246 -5.78 13.33 16.15
N ALA A 247 -6.34 14.55 16.22
CA ALA A 247 -5.74 15.61 17.06
C ALA A 247 -6.15 15.52 18.52
N ALA A 248 -7.33 14.95 18.75
CA ALA A 248 -7.94 15.07 20.11
C ALA A 248 -8.34 13.79 20.82
N ASP A 249 -8.59 12.72 20.08
CA ASP A 249 -9.16 11.59 20.72
C ASP A 249 -8.03 10.90 21.45
N PRO A 250 -8.22 10.50 22.74
CA PRO A 250 -7.12 9.75 23.41
C PRO A 250 -6.76 8.46 22.65
N ALA A 251 -7.72 7.82 21.98
CA ALA A 251 -7.37 6.59 21.23
C ALA A 251 -6.26 6.84 20.18
N ALA A 252 -6.20 8.08 19.67
CA ALA A 252 -5.30 8.39 18.58
C ALA A 252 -3.88 8.68 19.06
N ALA A 253 -3.67 8.63 20.39
CA ALA A 253 -2.34 8.62 20.97
C ALA A 253 -1.50 7.42 20.49
N TYR A 254 -2.14 6.39 19.94
CA TYR A 254 -1.40 5.20 19.58
C TYR A 254 -1.32 4.96 18.08
N ILE A 255 -1.78 5.96 17.35
CA ILE A 255 -1.79 5.89 15.92
C ILE A 255 -0.67 6.84 15.49
N THR A 256 0.29 6.37 14.69
CA THR A 256 1.33 7.28 14.20
C THR A 256 1.94 6.75 12.92
N GLY A 257 2.35 7.68 12.06
CA GLY A 257 2.92 7.36 10.75
C GLY A 257 1.86 6.83 9.78
N GLN A 258 0.59 7.12 10.01
CA GLN A 258 -0.45 6.55 9.15
C GLN A 258 -1.06 7.60 8.20
N VAL A 259 -1.69 7.11 7.15
CA VAL A 259 -2.47 7.93 6.24
C VAL A 259 -3.92 7.45 6.26
N ILE A 260 -4.87 8.29 6.67
CA ILE A 260 -6.29 7.90 6.60
C ILE A 260 -6.96 8.51 5.32
N ASN A 261 -7.39 7.66 4.39
CA ASN A 261 -8.17 8.17 3.26
C ASN A 261 -9.59 8.56 3.70
N ILE A 262 -10.06 9.73 3.33
CA ILE A 262 -11.47 9.99 3.46
C ILE A 262 -11.96 10.33 2.04
N ASP A 263 -12.34 9.29 1.32
CA ASP A 263 -12.43 9.52 -0.11
C ASP A 263 -13.61 8.84 -0.69
N GLY A 264 -14.55 8.42 0.16
CA GLY A 264 -15.73 7.75 -0.36
C GLY A 264 -15.47 6.36 -0.96
N GLY A 265 -14.31 5.75 -0.66
CA GLY A 265 -13.97 4.44 -1.17
C GLY A 265 -13.28 4.56 -2.50
N LEU A 266 -12.85 5.76 -2.85
CA LEU A 266 -12.15 5.94 -4.11
C LEU A 266 -10.90 5.11 -4.24
N VAL A 267 -10.04 5.11 -3.22
CA VAL A 267 -8.78 4.37 -3.28
C VAL A 267 -8.83 3.39 -2.16
N MET A 268 -8.93 2.11 -2.46
CA MET A 268 -8.91 1.10 -1.40
C MET A 268 -7.64 0.27 -1.47
N ALA A 269 -7.03 0.15 -2.65
CA ALA A 269 -5.75 -0.59 -2.81
C ALA A 269 -4.47 0.10 -2.24
N LEU B 24 18.87 -10.28 -28.83
CA LEU B 24 19.08 -9.16 -27.78
C LEU B 24 17.94 -8.12 -27.79
N PRO B 25 17.16 -8.05 -26.69
CA PRO B 25 15.94 -7.22 -26.77
C PRO B 25 16.18 -5.70 -26.92
N LEU B 26 17.36 -5.20 -26.56
CA LEU B 26 17.53 -3.75 -26.67
C LEU B 26 18.35 -3.26 -27.89
N THR B 27 18.70 -4.21 -28.77
CA THR B 27 19.43 -3.87 -30.01
C THR B 27 18.64 -2.77 -30.72
N ASP B 28 19.39 -1.77 -31.19
CA ASP B 28 18.84 -0.60 -31.88
C ASP B 28 17.95 0.30 -31.03
N ARG B 29 17.96 0.08 -29.71
CA ARG B 29 17.31 0.99 -28.76
C ARG B 29 18.36 1.80 -27.98
N ILE B 30 17.96 3.00 -27.58
CA ILE B 30 18.83 3.96 -26.93
C ILE B 30 18.35 4.11 -25.47
N ALA B 31 19.31 4.04 -24.55
CA ALA B 31 19.01 4.26 -23.15
C ALA B 31 19.82 5.43 -22.61
N LEU B 32 19.14 6.37 -21.95
CA LEU B 32 19.83 7.33 -21.04
C LEU B 32 19.68 6.91 -19.53
N VAL B 33 20.81 6.77 -18.85
CA VAL B 33 20.88 6.53 -17.40
C VAL B 33 21.51 7.73 -16.73
N THR B 34 20.79 8.37 -15.81
CA THR B 34 21.33 9.52 -15.09
C THR B 34 22.12 9.00 -13.91
N GLY B 35 23.25 9.66 -13.63
CA GLY B 35 24.11 9.32 -12.52
C GLY B 35 24.76 7.97 -12.76
N ALA B 36 25.31 7.75 -13.95
CA ALA B 36 25.72 6.38 -14.30
C ALA B 36 27.20 6.09 -14.18
N SER B 37 27.93 7.02 -13.58
CA SER B 37 29.39 6.92 -13.44
C SER B 37 29.82 5.90 -12.35
N ARG B 38 28.99 5.73 -11.34
CA ARG B 38 29.25 4.82 -10.20
C ARG B 38 28.01 4.00 -9.73
N GLY B 39 28.27 3.05 -8.83
CA GLY B 39 27.25 2.29 -8.11
C GLY B 39 26.10 1.74 -8.95
N ILE B 40 24.90 1.93 -8.44
CA ILE B 40 23.71 1.42 -9.11
C ILE B 40 23.58 1.90 -10.57
N GLY B 41 23.78 3.20 -10.78
CA GLY B 41 23.68 3.75 -12.14
C GLY B 41 24.68 3.15 -13.15
N ARG B 42 25.93 2.95 -12.71
CA ARG B 42 26.92 2.22 -13.44
C ARG B 42 26.44 0.77 -13.76
N ALA B 43 25.96 0.03 -12.75
CA ALA B 43 25.61 -1.34 -13.00
C ALA B 43 24.40 -1.38 -13.97
N ILE B 44 23.55 -0.37 -13.90
CA ILE B 44 22.39 -0.38 -14.81
C ILE B 44 22.85 -0.10 -16.24
N ALA B 45 23.79 0.82 -16.40
CA ALA B 45 24.28 1.17 -17.76
C ALA B 45 24.98 -0.05 -18.37
N LEU B 46 25.83 -0.71 -17.59
CA LEU B 46 26.49 -1.95 -18.07
C LEU B 46 25.45 -3.01 -18.53
N GLU B 47 24.41 -3.18 -17.70
CA GLU B 47 23.42 -4.22 -17.94
C GLU B 47 22.54 -3.92 -19.14
N LEU B 48 22.20 -2.65 -19.34
CA LEU B 48 21.35 -2.29 -20.44
C LEU B 48 22.14 -2.42 -21.74
N ALA B 49 23.43 -2.11 -21.69
CA ALA B 49 24.38 -2.35 -22.80
C ALA B 49 24.54 -3.83 -23.15
N ALA B 50 24.68 -4.70 -22.15
CA ALA B 50 24.77 -6.15 -22.43
C ALA B 50 23.47 -6.68 -23.05
N ALA B 51 22.35 -5.97 -22.91
CA ALA B 51 21.05 -6.37 -23.51
C ALA B 51 20.85 -5.73 -24.91
N GLY B 52 21.87 -4.98 -25.36
CA GLY B 52 21.92 -4.45 -26.74
C GLY B 52 21.84 -2.94 -26.99
N ALA B 53 21.54 -2.16 -25.94
CA ALA B 53 21.27 -0.76 -26.12
C ALA B 53 22.53 0.08 -26.28
N LYS B 54 22.40 1.15 -27.05
CA LYS B 54 23.37 2.22 -27.00
C LYS B 54 23.03 2.98 -25.70
N VAL B 55 24.06 3.30 -24.93
CA VAL B 55 23.84 3.92 -23.63
C VAL B 55 24.50 5.26 -23.52
N ALA B 56 23.72 6.26 -23.10
CA ALA B 56 24.24 7.56 -22.76
C ALA B 56 24.43 7.50 -21.27
N VAL B 57 25.66 7.83 -20.87
CA VAL B 57 26.16 7.74 -19.47
C VAL B 57 26.29 9.17 -18.86
N ASN B 58 25.30 9.55 -18.09
CA ASN B 58 25.32 10.85 -17.50
C ASN B 58 26.10 10.82 -16.20
N TYR B 59 26.88 11.89 -15.98
CA TYR B 59 27.65 12.10 -14.77
C TYR B 59 27.58 13.56 -14.42
N ALA B 60 27.90 13.90 -13.17
CA ALA B 60 27.88 15.25 -12.67
C ALA B 60 29.30 15.85 -12.55
N SER B 61 30.26 15.06 -12.08
CA SER B 61 31.64 15.51 -12.15
C SER B 61 32.69 14.41 -12.35
N SER B 62 32.32 13.16 -12.20
CA SER B 62 33.27 12.06 -12.43
C SER B 62 33.53 11.77 -13.92
N ALA B 63 34.26 12.65 -14.61
CA ALA B 63 34.49 12.43 -16.04
C ALA B 63 35.19 11.06 -16.27
N GLY B 64 36.24 10.78 -15.46
CA GLY B 64 36.99 9.49 -15.51
C GLY B 64 36.11 8.27 -15.24
N ALA B 65 35.40 8.26 -14.08
CA ALA B 65 34.54 7.08 -13.83
C ALA B 65 33.53 6.91 -14.98
N ALA B 66 32.90 8.01 -15.40
CA ALA B 66 32.01 7.93 -16.55
C ALA B 66 32.62 7.26 -17.80
N ASP B 67 33.84 7.63 -18.13
CA ASP B 67 34.53 7.11 -19.32
C ASP B 67 34.99 5.66 -19.19
N GLU B 68 35.38 5.29 -17.98
CA GLU B 68 35.55 3.91 -17.59
C GLU B 68 34.29 3.05 -17.87
N VAL B 69 33.09 3.60 -17.71
CA VAL B 69 31.89 2.82 -18.03
C VAL B 69 31.68 2.76 -19.54
N VAL B 70 31.83 3.91 -20.18
CA VAL B 70 31.84 3.97 -21.64
C VAL B 70 32.87 2.96 -22.23
N ALA B 71 34.07 2.91 -21.64
CA ALA B 71 35.14 2.05 -22.15
C ALA B 71 34.72 0.62 -22.08
N ALA B 72 34.11 0.24 -20.95
CA ALA B 72 33.80 -1.18 -20.66
C ALA B 72 32.69 -1.65 -21.59
N ILE B 73 31.74 -0.77 -21.83
CA ILE B 73 30.72 -1.05 -22.82
C ILE B 73 31.32 -1.27 -24.23
N ALA B 74 32.32 -0.48 -24.58
CA ALA B 74 32.92 -0.61 -25.94
C ALA B 74 33.76 -1.90 -26.15
N ALA B 75 34.51 -2.32 -25.11
CA ALA B 75 35.22 -3.64 -25.06
C ALA B 75 34.28 -4.87 -25.04
N ALA B 76 33.06 -4.70 -24.51
CA ALA B 76 32.01 -5.69 -24.71
C ALA B 76 31.45 -5.61 -26.13
N GLY B 77 31.95 -4.66 -26.91
CA GLY B 77 31.48 -4.47 -28.29
C GLY B 77 30.18 -3.66 -28.37
N GLY B 78 29.91 -2.84 -27.35
CA GLY B 78 28.73 -1.99 -27.40
C GLY B 78 29.06 -0.56 -27.77
N GLU B 79 28.02 0.26 -27.85
CA GLU B 79 28.19 1.68 -28.04
C GLU B 79 27.74 2.50 -26.82
N ALA B 80 28.55 3.50 -26.46
CA ALA B 80 28.20 4.35 -25.34
C ALA B 80 28.81 5.72 -25.51
N PHE B 81 28.20 6.72 -24.90
CA PHE B 81 28.91 7.95 -24.65
C PHE B 81 28.48 8.68 -23.40
N ALA B 82 29.39 9.47 -22.89
CA ALA B 82 29.24 10.13 -21.63
C ALA B 82 28.73 11.55 -21.84
N VAL B 83 27.85 12.05 -20.97
CA VAL B 83 27.46 13.43 -21.03
C VAL B 83 27.44 14.02 -19.63
N LYS B 84 28.25 15.05 -19.43
CA LYS B 84 28.18 15.87 -18.25
C LYS B 84 26.92 16.75 -18.16
N ALA B 85 26.12 16.51 -17.14
CA ALA B 85 24.98 17.34 -16.82
C ALA B 85 24.56 17.13 -15.35
N ASP B 86 24.31 18.25 -14.68
CA ASP B 86 23.67 18.26 -13.35
C ASP B 86 22.18 18.25 -13.62
N VAL B 87 21.55 17.08 -13.41
CA VAL B 87 20.13 16.90 -13.81
C VAL B 87 19.14 17.57 -12.86
N SER B 88 19.61 18.26 -11.83
CA SER B 88 18.73 19.24 -11.17
C SER B 88 18.51 20.51 -11.99
N GLN B 89 19.33 20.75 -13.02
CA GLN B 89 19.26 22.04 -13.77
C GLN B 89 18.49 21.93 -15.07
N GLU B 90 17.38 22.65 -15.14
CA GLU B 90 16.55 22.68 -16.37
C GLU B 90 17.41 22.74 -17.65
N SER B 91 18.34 23.70 -17.67
CA SER B 91 19.02 23.99 -18.90
C SER B 91 19.98 22.86 -19.21
N GLU B 92 20.56 22.24 -18.18
CA GLU B 92 21.47 21.11 -18.42
C GLU B 92 20.76 19.82 -18.84
N VAL B 93 19.58 19.58 -18.31
CA VAL B 93 18.86 18.41 -18.81
C VAL B 93 18.45 18.55 -20.27
N GLU B 94 18.03 19.74 -20.63
CA GLU B 94 17.69 20.03 -22.01
C GLU B 94 18.91 19.75 -22.89
N ALA B 95 20.08 20.23 -22.48
CA ALA B 95 21.32 19.95 -23.18
C ALA B 95 21.66 18.46 -23.25
N LEU B 96 21.42 17.76 -22.14
CA LEU B 96 21.59 16.30 -22.04
C LEU B 96 20.70 15.58 -23.05
N PHE B 97 19.44 15.90 -23.08
CA PHE B 97 18.57 15.21 -23.97
C PHE B 97 18.83 15.59 -25.46
N ALA B 98 19.12 16.87 -25.71
CA ALA B 98 19.44 17.27 -27.10
C ALA B 98 20.65 16.45 -27.55
N ALA B 99 21.65 16.28 -26.68
CA ALA B 99 22.94 15.69 -27.11
C ALA B 99 22.69 14.22 -27.45
N VAL B 100 21.77 13.56 -26.73
CA VAL B 100 21.42 12.17 -27.08
C VAL B 100 20.64 12.07 -28.40
N ILE B 101 19.61 12.92 -28.55
CA ILE B 101 18.80 12.94 -29.76
C ILE B 101 19.67 13.26 -30.95
N GLU B 102 20.49 14.31 -30.84
CA GLU B 102 21.43 14.69 -31.91
C GLU B 102 22.32 13.50 -32.29
N ARG B 103 22.71 12.67 -31.32
CA ARG B 103 23.66 11.61 -31.64
C ARG B 103 23.02 10.35 -32.21
N TRP B 104 21.88 9.93 -31.67
CA TRP B 104 21.28 8.69 -32.14
C TRP B 104 19.81 8.83 -32.60
N GLY B 105 19.28 10.05 -32.45
CA GLY B 105 17.98 10.37 -33.00
C GLY B 105 16.78 9.73 -32.37
N ARG B 106 16.97 9.09 -31.22
CA ARG B 106 15.81 8.49 -30.51
C ARG B 106 16.14 8.19 -29.03
N LEU B 107 15.09 7.89 -28.25
CA LEU B 107 15.23 7.52 -26.86
C LEU B 107 14.23 6.48 -26.45
N ASP B 108 14.70 5.26 -26.20
CA ASP B 108 13.80 4.18 -25.81
C ASP B 108 13.64 4.03 -24.35
N VAL B 109 14.70 4.23 -23.57
CA VAL B 109 14.64 3.99 -22.17
C VAL B 109 15.30 5.10 -21.35
N LEU B 110 14.57 5.64 -20.38
CA LEU B 110 15.14 6.59 -19.44
C LEU B 110 15.18 5.96 -18.07
N VAL B 111 16.35 6.02 -17.43
CA VAL B 111 16.42 5.55 -16.09
C VAL B 111 16.87 6.77 -15.28
N ASN B 112 15.98 7.22 -14.40
CA ASN B 112 16.25 8.33 -13.51
C ASN B 112 16.94 7.74 -12.31
N ASN B 113 18.25 7.74 -12.33
CA ASN B 113 18.95 7.17 -11.20
C ASN B 113 19.66 8.20 -10.32
N ALA B 114 20.13 9.31 -10.86
CA ALA B 114 21.01 10.20 -10.05
C ALA B 114 20.31 10.57 -8.74
N GLY B 115 21.01 10.51 -7.63
CA GLY B 115 20.53 11.05 -6.38
C GLY B 115 21.63 11.16 -5.33
N ILE B 116 21.32 11.84 -4.22
CA ILE B 116 22.25 12.13 -3.17
C ILE B 116 21.53 12.08 -1.84
N THR B 117 22.30 12.02 -0.73
CA THR B 117 21.69 12.10 0.63
C THR B 117 22.34 13.27 1.34
N ARG B 118 21.66 13.83 2.33
CA ARG B 118 22.18 14.86 3.20
C ARG B 118 21.44 14.55 4.49
N ASP B 119 21.85 13.44 5.11
CA ASP B 119 21.22 12.97 6.33
C ASP B 119 21.40 13.89 7.52
N THR B 120 20.33 14.09 8.27
CA THR B 120 20.35 14.83 9.56
C THR B 120 18.96 14.66 10.21
N LEU B 121 18.86 14.60 11.52
CA LEU B 121 17.51 14.65 12.16
C LEU B 121 16.79 15.96 11.74
N LEU B 122 15.45 15.92 11.69
CA LEU B 122 14.62 17.08 11.23
C LEU B 122 14.94 18.39 11.98
N LEU B 123 15.07 18.26 13.29
CA LEU B 123 15.35 19.35 14.21
C LEU B 123 16.48 20.18 13.70
N ARG B 124 17.53 19.57 13.19
CA ARG B 124 18.65 20.37 12.68
C ARG B 124 18.81 20.41 11.19
N MET B 125 17.77 20.08 10.42
CA MET B 125 17.93 20.03 8.99
C MET B 125 17.92 21.49 8.49
N LYS B 126 19.02 21.88 7.85
CA LYS B 126 19.09 23.19 7.23
C LYS B 126 18.33 23.21 5.93
N ARG B 127 17.72 24.36 5.66
CA ARG B 127 16.97 24.52 4.47
C ARG B 127 17.78 24.09 3.17
N ASP B 128 19.06 24.44 3.09
CA ASP B 128 19.86 24.05 1.94
C ASP B 128 20.04 22.53 1.88
N ASP B 129 20.07 21.85 3.02
CA ASP B 129 20.19 20.41 2.93
C ASP B 129 18.90 19.68 2.51
N TRP B 130 17.75 20.29 2.80
CA TRP B 130 16.46 19.86 2.35
C TRP B 130 16.38 20.05 0.82
N GLN B 131 16.80 21.23 0.41
CA GLN B 131 16.50 21.67 -0.94
C GLN B 131 17.45 21.03 -1.93
N SER B 132 18.67 20.74 -1.52
CA SER B 132 19.54 20.09 -2.50
C SER B 132 19.10 18.63 -2.84
N VAL B 133 18.66 17.87 -1.84
CA VAL B 133 18.16 16.51 -2.08
C VAL B 133 16.87 16.53 -2.91
N LEU B 134 15.95 17.42 -2.54
CA LEU B 134 14.70 17.60 -3.24
C LEU B 134 14.85 17.99 -4.70
N ASP B 135 15.75 18.95 -4.94
CA ASP B 135 16.05 19.45 -6.30
C ASP B 135 16.60 18.37 -7.19
N LEU B 136 17.58 17.62 -6.71
CA LEU B 136 18.05 16.49 -7.48
C LEU B 136 17.12 15.26 -7.46
N ASN B 137 16.80 14.72 -6.28
CA ASN B 137 16.24 13.37 -6.30
C ASN B 137 14.82 13.40 -6.79
N LEU B 138 14.17 14.54 -6.67
CA LEU B 138 12.78 14.69 -7.16
C LEU B 138 12.71 15.68 -8.34
N GLY B 139 13.29 16.87 -8.18
CA GLY B 139 13.28 17.80 -9.30
C GLY B 139 13.92 17.20 -10.56
N GLY B 140 15.02 16.48 -10.43
CA GLY B 140 15.67 15.88 -11.59
C GLY B 140 14.81 14.82 -12.27
N VAL B 141 14.02 14.12 -11.48
CA VAL B 141 13.13 13.14 -12.06
C VAL B 141 12.01 13.84 -12.87
N PHE B 142 11.46 14.93 -12.33
CA PHE B 142 10.52 15.74 -13.10
C PHE B 142 11.15 16.24 -14.40
N LEU B 143 12.35 16.81 -14.34
CA LEU B 143 12.93 17.42 -15.53
C LEU B 143 13.23 16.38 -16.60
N CYS B 144 13.84 15.27 -16.20
CA CYS B 144 14.18 14.26 -17.18
C CYS B 144 12.94 13.56 -17.68
N SER B 145 11.90 13.39 -16.86
CA SER B 145 10.77 12.64 -17.36
C SER B 145 10.03 13.54 -18.31
N ARG B 146 9.99 14.85 -18.03
CA ARG B 146 9.42 15.80 -19.00
C ARG B 146 10.20 15.81 -20.32
N ALA B 147 11.51 15.79 -20.30
CA ALA B 147 12.17 15.78 -21.60
C ALA B 147 11.82 14.45 -22.32
N ALA B 148 11.77 13.37 -21.55
CA ALA B 148 11.51 12.02 -22.12
C ALA B 148 10.06 11.91 -22.64
N ALA B 149 9.11 12.44 -21.89
CA ALA B 149 7.72 12.43 -22.35
C ALA B 149 7.63 13.07 -23.78
N LYS B 150 8.36 14.16 -24.03
CA LYS B 150 8.22 14.87 -25.27
C LYS B 150 8.58 13.95 -26.43
N ILE B 151 9.72 13.24 -26.26
CA ILE B 151 10.26 12.34 -27.28
C ILE B 151 9.43 11.06 -27.42
N MET B 152 9.04 10.47 -26.30
CA MET B 152 8.41 9.18 -26.36
C MET B 152 7.01 9.37 -26.91
N LEU B 153 6.35 10.49 -26.61
CA LEU B 153 5.02 10.78 -27.19
C LEU B 153 5.10 10.81 -28.73
N LYS B 154 6.14 11.43 -29.25
CA LYS B 154 6.41 11.45 -30.70
C LYS B 154 6.70 10.03 -31.28
N GLN B 155 7.56 9.28 -30.60
CA GLN B 155 7.83 7.89 -30.96
C GLN B 155 6.65 6.96 -30.82
N ARG B 156 5.72 7.29 -29.92
CA ARG B 156 4.69 6.32 -29.46
C ARG B 156 5.28 5.00 -28.90
N SER B 157 6.41 5.12 -28.24
CA SER B 157 6.98 4.05 -27.49
C SER B 157 8.01 4.63 -26.53
N GLY B 158 8.25 3.88 -25.45
CA GLY B 158 9.32 4.20 -24.53
C GLY B 158 9.06 3.60 -23.15
N ARG B 159 10.14 3.51 -22.38
CA ARG B 159 10.04 3.06 -20.99
C ARG B 159 10.81 4.00 -20.08
N ILE B 160 10.17 4.41 -19.01
CA ILE B 160 10.79 5.25 -18.00
C ILE B 160 10.84 4.45 -16.76
N ILE B 161 12.05 4.35 -16.19
CA ILE B 161 12.25 3.66 -14.88
C ILE B 161 12.89 4.63 -13.90
N ASN B 162 12.22 4.85 -12.75
CA ASN B 162 12.75 5.69 -11.69
C ASN B 162 13.24 4.87 -10.53
N ILE B 163 14.45 5.20 -10.06
CA ILE B 163 14.99 4.56 -8.90
C ILE B 163 14.50 5.33 -7.65
N ALA B 164 13.54 4.76 -6.94
CA ALA B 164 13.02 5.40 -5.75
C ALA B 164 13.79 4.78 -4.57
N SER B 165 13.15 4.38 -3.46
CA SER B 165 13.88 3.74 -2.34
C SER B 165 12.81 3.31 -1.37
N VAL B 166 12.97 2.16 -0.72
CA VAL B 166 11.95 1.73 0.25
C VAL B 166 11.79 2.73 1.38
N VAL B 167 12.82 3.52 1.62
CA VAL B 167 12.78 4.60 2.61
C VAL B 167 11.67 5.64 2.26
N GLY B 168 11.36 5.79 0.98
CA GLY B 168 10.20 6.53 0.59
C GLY B 168 8.89 5.90 0.92
N GLU B 169 8.87 4.60 1.18
CA GLU B 169 7.57 3.92 1.52
C GLU B 169 7.32 3.80 3.00
N MET B 170 8.38 3.67 3.79
CA MET B 170 8.27 3.46 5.24
C MET B 170 8.88 4.61 6.09
N GLY B 171 9.57 5.61 5.49
CA GLY B 171 10.22 6.63 6.29
C GLY B 171 11.46 6.07 6.97
N ASN B 172 12.37 6.94 7.45
CA ASN B 172 13.60 6.49 8.11
C ASN B 172 14.26 7.66 8.83
N PRO B 173 14.42 7.61 10.16
CA PRO B 173 14.96 8.73 10.94
C PRO B 173 16.23 9.23 10.32
N GLY B 174 16.46 10.54 10.30
CA GLY B 174 17.64 11.10 9.61
C GLY B 174 17.44 11.50 8.15
N GLN B 175 16.33 11.07 7.54
CA GLN B 175 16.19 11.20 6.10
C GLN B 175 14.86 11.82 5.66
N ALA B 176 14.36 12.80 6.40
CA ALA B 176 13.14 13.48 6.06
C ALA B 176 13.21 14.01 4.66
N ASN B 177 14.35 14.57 4.28
CA ASN B 177 14.53 15.02 2.89
C ASN B 177 14.54 13.90 1.82
N TYR B 178 15.39 12.90 2.02
CA TYR B 178 15.47 11.81 1.05
C TYR B 178 14.14 11.05 0.99
N SER B 179 13.49 10.78 2.13
CA SER B 179 12.22 10.00 2.07
C SER B 179 11.09 10.80 1.43
N ALA B 180 11.00 12.11 1.69
CA ALA B 180 9.98 12.94 1.03
C ALA B 180 10.31 12.98 -0.46
N ALA B 181 11.59 13.07 -0.82
CA ALA B 181 11.94 13.03 -2.29
C ALA B 181 11.65 11.67 -2.91
N LYS B 182 12.06 10.59 -2.24
CA LYS B 182 11.73 9.26 -2.86
C LYS B 182 10.25 8.97 -2.81
N ALA B 183 9.53 9.42 -1.79
CA ALA B 183 8.06 9.16 -1.86
C ALA B 183 7.46 9.95 -3.04
N GLY B 184 8.07 11.10 -3.33
CA GLY B 184 7.52 11.93 -4.36
C GLY B 184 7.76 11.34 -5.69
N VAL B 185 8.93 10.77 -5.89
CA VAL B 185 9.25 10.05 -7.12
C VAL B 185 8.18 8.94 -7.44
N ILE B 186 7.76 8.25 -6.40
CA ILE B 186 6.75 7.27 -6.50
C ILE B 186 5.41 7.88 -6.92
N GLY B 187 5.01 9.01 -6.35
CA GLY B 187 3.78 9.68 -6.79
C GLY B 187 3.84 10.19 -8.24
N LEU B 188 4.94 10.88 -8.57
CA LEU B 188 5.21 11.31 -9.96
C LEU B 188 5.12 10.13 -10.94
N THR B 189 5.69 8.99 -10.55
CA THR B 189 5.69 7.79 -11.39
C THR B 189 4.25 7.43 -11.81
N LYS B 190 3.37 7.32 -10.83
CA LYS B 190 1.98 7.01 -11.07
C LYS B 190 1.26 8.02 -12.00
N THR B 191 1.45 9.31 -11.77
CA THR B 191 0.78 10.29 -12.61
C THR B 191 1.38 10.22 -13.99
N VAL B 192 2.69 10.07 -14.09
CA VAL B 192 3.26 10.10 -15.41
C VAL B 192 2.81 8.85 -16.18
N ALA B 193 2.84 7.68 -15.50
CA ALA B 193 2.31 6.44 -16.08
C ALA B 193 0.93 6.64 -16.66
N LYS B 194 0.04 7.36 -15.97
CA LYS B 194 -1.34 7.51 -16.43
C LYS B 194 -1.38 8.46 -17.65
N GLU B 195 -0.52 9.46 -17.67
CA GLU B 195 -0.51 10.41 -18.77
C GLU B 195 0.05 9.75 -20.02
N LEU B 196 0.96 8.78 -19.88
CA LEU B 196 1.68 8.29 -21.08
C LEU B 196 1.19 6.91 -21.56
N ALA B 197 0.33 6.28 -20.76
CA ALA B 197 -0.24 4.99 -21.06
C ALA B 197 -0.92 4.86 -22.46
N SER B 198 -1.61 5.91 -22.90
CA SER B 198 -2.41 5.70 -24.11
C SER B 198 -1.48 5.51 -25.34
N ARG B 199 -0.21 5.93 -25.29
CA ARG B 199 0.70 5.59 -26.37
C ARG B 199 1.58 4.37 -26.02
N GLY B 200 1.14 3.56 -25.05
CA GLY B 200 1.90 2.36 -24.70
C GLY B 200 3.29 2.49 -24.04
N ILE B 201 3.66 3.70 -23.58
CA ILE B 201 4.87 4.01 -22.77
C ILE B 201 4.63 3.52 -21.34
N THR B 202 5.56 2.74 -20.79
CA THR B 202 5.38 2.28 -19.39
C THR B 202 6.20 3.18 -18.46
N VAL B 203 5.70 3.43 -17.26
CA VAL B 203 6.47 4.24 -16.33
C VAL B 203 6.41 3.55 -14.98
N ASN B 204 7.56 3.23 -14.39
CA ASN B 204 7.61 2.35 -13.21
C ASN B 204 8.74 2.82 -12.32
N ALA B 205 8.74 2.36 -11.06
CA ALA B 205 9.83 2.71 -10.17
C ALA B 205 10.39 1.41 -9.66
N VAL B 206 11.67 1.42 -9.33
CA VAL B 206 12.27 0.29 -8.63
C VAL B 206 12.76 0.85 -7.27
N ALA B 207 12.39 0.19 -6.16
CA ALA B 207 12.81 0.70 -4.83
C ALA B 207 13.82 -0.23 -4.15
N PRO B 208 15.13 0.10 -4.23
CA PRO B 208 16.08 -0.74 -3.58
C PRO B 208 15.97 -0.53 -2.11
N GLY B 209 16.35 -1.55 -1.33
CA GLY B 209 16.59 -1.35 0.09
C GLY B 209 18.04 -0.91 0.25
N PHE B 210 18.84 -1.63 1.03
CA PHE B 210 20.23 -1.30 1.22
C PHE B 210 21.09 -2.10 0.27
N ILE B 211 21.79 -1.37 -0.58
CA ILE B 211 22.65 -1.96 -1.59
C ILE B 211 24.07 -1.53 -1.27
N ALA B 212 25.09 -2.37 -1.55
CA ALA B 212 26.53 -2.04 -1.35
C ALA B 212 27.05 -1.04 -2.43
N THR B 213 27.16 0.25 -2.05
CA THR B 213 27.60 1.38 -2.96
C THR B 213 28.35 2.46 -2.15
N ASP B 214 28.87 3.50 -2.81
CA ASP B 214 29.46 4.66 -2.09
C ASP B 214 28.42 5.39 -1.19
N MET B 215 27.18 5.46 -1.64
CA MET B 215 26.12 6.10 -0.86
C MET B 215 25.85 5.38 0.46
N THR B 216 26.43 4.19 0.63
CA THR B 216 26.07 3.23 1.72
C THR B 216 27.25 2.89 2.71
N SER B 217 28.46 2.91 2.14
CA SER B 217 29.73 2.90 2.86
C SER B 217 29.82 4.06 3.88
N LEU B 224 22.40 -5.56 11.72
CA LEU B 224 21.91 -4.19 11.54
C LEU B 224 21.08 -3.74 10.22
N LEU B 225 20.66 -4.57 9.23
CA LEU B 225 21.00 -6.00 8.88
C LEU B 225 20.21 -7.16 9.53
N GLU B 226 19.87 -7.00 10.80
CA GLU B 226 19.00 -7.94 11.50
C GLU B 226 17.57 -7.68 11.06
N VAL B 227 17.28 -6.49 10.50
CA VAL B 227 15.94 -6.23 9.91
C VAL B 227 15.74 -6.61 8.39
N ILE B 228 16.75 -7.16 7.73
CA ILE B 228 16.62 -7.63 6.36
C ILE B 228 16.45 -9.12 6.41
N PRO B 229 15.24 -9.62 6.10
CA PRO B 229 15.00 -11.06 6.26
C PRO B 229 16.05 -11.88 5.50
N LEU B 230 16.51 -11.45 4.35
CA LEU B 230 17.51 -12.26 3.64
C LEU B 230 18.94 -12.12 4.25
N GLY B 231 19.14 -11.22 5.19
CA GLY B 231 20.38 -11.27 6.00
C GLY B 231 21.63 -10.75 5.33
N ARG B 232 21.47 -9.93 4.29
CA ARG B 232 22.58 -9.33 3.53
C ARG B 232 22.09 -8.11 2.78
N TYR B 233 23.00 -7.21 2.43
CA TYR B 233 22.70 -6.13 1.51
C TYR B 233 22.55 -6.70 0.10
N GLY B 234 21.89 -5.92 -0.77
CA GLY B 234 21.71 -6.22 -2.16
C GLY B 234 22.95 -5.75 -2.91
N GLU B 235 23.12 -6.27 -4.12
CA GLU B 235 24.23 -5.87 -4.94
C GLU B 235 23.67 -4.98 -6.02
N ALA B 236 24.51 -4.05 -6.44
CA ALA B 236 24.12 -3.11 -7.45
C ALA B 236 23.65 -3.82 -8.74
N ALA B 237 24.35 -4.87 -9.18
CA ALA B 237 23.92 -5.75 -10.28
C ALA B 237 22.48 -6.31 -10.11
N GLU B 238 22.06 -6.58 -8.88
CA GLU B 238 20.70 -7.11 -8.65
C GLU B 238 19.63 -6.04 -8.96
N VAL B 239 19.93 -4.78 -8.61
CA VAL B 239 19.02 -3.66 -8.92
C VAL B 239 18.93 -3.52 -10.45
N ALA B 240 20.12 -3.65 -11.07
CA ALA B 240 20.30 -3.52 -12.52
C ALA B 240 19.47 -4.56 -13.28
N GLY B 241 19.45 -5.79 -12.77
CA GLY B 241 18.55 -6.81 -13.35
C GLY B 241 17.04 -6.49 -13.36
N VAL B 242 16.50 -5.94 -12.26
CA VAL B 242 15.11 -5.51 -12.22
C VAL B 242 14.85 -4.39 -13.25
N VAL B 243 15.71 -3.37 -13.28
CA VAL B 243 15.63 -2.28 -14.26
C VAL B 243 15.64 -2.83 -15.68
N ARG B 244 16.62 -3.70 -15.99
CA ARG B 244 16.67 -4.31 -17.32
C ARG B 244 15.36 -5.05 -17.61
N PHE B 245 14.87 -5.85 -16.65
CA PHE B 245 13.60 -6.55 -16.87
C PHE B 245 12.45 -5.58 -17.29
N LEU B 246 12.26 -4.51 -16.53
CA LEU B 246 11.24 -3.51 -16.90
C LEU B 246 11.51 -2.81 -18.21
N ALA B 247 12.80 -2.62 -18.50
CA ALA B 247 13.20 -1.91 -19.68
C ALA B 247 13.11 -2.76 -20.93
N ALA B 248 13.40 -4.05 -20.80
CA ALA B 248 13.63 -4.84 -22.02
C ALA B 248 12.67 -6.02 -22.26
N ASP B 249 12.15 -6.63 -21.19
CA ASP B 249 11.39 -7.82 -21.30
C ASP B 249 10.00 -7.51 -21.85
N PRO B 250 9.57 -8.28 -22.86
CA PRO B 250 8.21 -8.13 -23.42
C PRO B 250 7.08 -8.26 -22.38
N ALA B 251 7.19 -9.14 -21.41
CA ALA B 251 6.15 -9.19 -20.34
C ALA B 251 5.99 -7.84 -19.61
N ALA B 252 7.04 -7.03 -19.52
CA ALA B 252 6.93 -5.74 -18.84
C ALA B 252 6.22 -4.67 -19.63
N ALA B 253 5.72 -5.01 -20.83
CA ALA B 253 4.96 -4.04 -21.60
C ALA B 253 3.65 -3.85 -20.91
N TYR B 254 3.25 -4.78 -20.04
CA TYR B 254 1.92 -4.63 -19.39
C TYR B 254 2.02 -4.20 -17.94
N ILE B 255 3.21 -3.80 -17.55
CA ILE B 255 3.46 -3.33 -16.20
C ILE B 255 3.69 -1.81 -16.29
N THR B 256 2.85 -1.06 -15.59
CA THR B 256 3.04 0.36 -15.54
C THR B 256 2.47 0.94 -14.25
N GLY B 257 3.01 2.09 -13.83
CA GLY B 257 2.54 2.67 -12.56
C GLY B 257 2.94 1.87 -11.31
N GLN B 258 3.91 0.98 -11.44
CA GLN B 258 4.28 0.15 -10.28
C GLN B 258 5.61 0.51 -9.62
N VAL B 259 5.74 0.03 -8.39
CA VAL B 259 6.97 0.18 -7.60
C VAL B 259 7.36 -1.24 -7.25
N ILE B 260 8.53 -1.69 -7.68
CA ILE B 260 8.99 -3.00 -7.33
C ILE B 260 10.13 -2.88 -6.26
N ASN B 261 9.98 -3.44 -5.07
CA ASN B 261 11.01 -3.38 -4.05
C ASN B 261 12.03 -4.49 -4.26
N ILE B 262 13.29 -4.08 -4.26
CA ILE B 262 14.38 -5.03 -4.26
C ILE B 262 15.23 -4.79 -2.98
N ASP B 263 14.88 -5.50 -1.90
CA ASP B 263 15.25 -5.05 -0.60
C ASP B 263 15.39 -6.19 0.36
N GLY B 264 15.50 -7.43 -0.14
CA GLY B 264 15.69 -8.57 0.78
C GLY B 264 14.55 -8.83 1.75
N GLY B 265 13.37 -8.22 1.52
CA GLY B 265 12.22 -8.49 2.44
C GLY B 265 12.07 -7.38 3.45
N LEU B 266 12.96 -6.39 3.37
CA LEU B 266 12.92 -5.26 4.29
C LEU B 266 11.51 -4.68 4.43
N VAL B 267 10.87 -4.34 3.29
CA VAL B 267 9.56 -3.80 3.37
C VAL B 267 8.58 -4.66 2.54
N MET B 268 7.60 -5.24 3.20
CA MET B 268 6.67 -6.13 2.57
C MET B 268 5.28 -5.42 2.37
N ALA B 269 5.23 -4.64 1.28
CA ALA B 269 4.13 -3.71 0.95
C ALA B 269 4.62 -3.08 -0.38
N LEU C 24 21.04 -21.53 -20.00
CA LEU C 24 19.60 -21.25 -19.56
C LEU C 24 19.48 -21.21 -18.04
N PRO C 25 18.87 -20.17 -17.51
CA PRO C 25 18.96 -20.07 -16.04
C PRO C 25 18.30 -21.23 -15.26
N LEU C 26 17.27 -21.89 -15.78
CA LEU C 26 16.72 -23.06 -15.05
C LEU C 26 17.19 -24.45 -15.54
N THR C 27 18.21 -24.49 -16.40
CA THR C 27 18.87 -25.76 -16.79
C THR C 27 19.11 -26.59 -15.53
N ASP C 28 18.59 -27.81 -15.55
CA ASP C 28 18.72 -28.73 -14.44
C ASP C 28 17.89 -28.47 -13.25
N ARG C 29 17.09 -27.39 -13.28
CA ARG C 29 16.26 -27.11 -12.15
C ARG C 29 14.82 -27.65 -12.45
N ILE C 30 14.06 -27.88 -11.37
CA ILE C 30 12.75 -28.52 -11.42
C ILE C 30 11.66 -27.51 -11.00
N ALA C 31 10.61 -27.40 -11.79
CA ALA C 31 9.45 -26.61 -11.40
C ALA C 31 8.17 -27.44 -11.32
N LEU C 32 7.28 -27.07 -10.40
CA LEU C 32 5.94 -27.56 -10.32
C LEU C 32 4.98 -26.37 -10.44
N VAL C 33 4.02 -26.45 -11.37
CA VAL C 33 3.04 -25.39 -11.55
C VAL C 33 1.66 -25.98 -11.28
N THR C 34 0.97 -25.54 -10.25
CA THR C 34 -0.38 -26.05 -10.01
C THR C 34 -1.38 -25.42 -10.98
N GLY C 35 -2.35 -26.22 -11.43
CA GLY C 35 -3.29 -25.74 -12.43
C GLY C 35 -2.69 -25.26 -13.73
N ALA C 36 -1.87 -26.11 -14.34
CA ALA C 36 -1.06 -25.71 -15.47
C ALA C 36 -1.60 -26.18 -16.83
N SER C 37 -2.82 -26.71 -16.84
CA SER C 37 -3.36 -27.34 -18.05
C SER C 37 -3.91 -26.31 -19.04
N ARG C 38 -4.28 -25.12 -18.55
CA ARG C 38 -4.92 -24.04 -19.35
C ARG C 38 -4.48 -22.65 -18.88
N GLY C 39 -4.69 -21.67 -19.75
CA GLY C 39 -4.57 -20.26 -19.39
C GLY C 39 -3.25 -19.84 -18.80
N ILE C 40 -3.30 -19.10 -17.71
CA ILE C 40 -2.11 -18.59 -17.11
C ILE C 40 -1.18 -19.72 -16.69
N GLY C 41 -1.68 -20.75 -16.02
CA GLY C 41 -0.84 -21.89 -15.61
C GLY C 41 -0.09 -22.51 -16.79
N ARG C 42 -0.76 -22.59 -17.92
CA ARG C 42 -0.17 -23.19 -19.08
C ARG C 42 0.95 -22.31 -19.58
N ALA C 43 0.68 -21.02 -19.75
CA ALA C 43 1.70 -20.10 -20.22
C ALA C 43 2.88 -20.11 -19.27
N ILE C 44 2.63 -20.22 -17.96
CA ILE C 44 3.73 -20.28 -17.02
C ILE C 44 4.54 -21.55 -17.25
N ALA C 45 3.88 -22.68 -17.45
CA ALA C 45 4.64 -23.94 -17.64
C ALA C 45 5.57 -23.87 -18.85
N LEU C 46 5.02 -23.38 -19.97
CA LEU C 46 5.77 -23.16 -21.18
C LEU C 46 6.95 -22.22 -20.97
N GLU C 47 6.71 -21.13 -20.25
CA GLU C 47 7.75 -20.15 -20.02
C GLU C 47 8.90 -20.66 -19.15
N LEU C 48 8.60 -21.43 -18.11
CA LEU C 48 9.65 -21.94 -17.26
C LEU C 48 10.43 -23.03 -17.94
N ALA C 49 9.75 -23.78 -18.79
CA ALA C 49 10.35 -24.90 -19.52
C ALA C 49 11.24 -24.33 -20.58
N ALA C 50 10.81 -23.22 -21.19
CA ALA C 50 11.70 -22.53 -22.12
C ALA C 50 12.94 -21.90 -21.44
N ALA C 51 12.83 -21.49 -20.17
CA ALA C 51 14.04 -21.05 -19.39
C ALA C 51 14.87 -22.29 -18.90
N GLY C 52 14.42 -23.49 -19.26
CA GLY C 52 15.25 -24.68 -19.08
C GLY C 52 14.77 -25.62 -18.00
N ALA C 53 13.67 -25.30 -17.31
CA ALA C 53 13.26 -26.15 -16.18
C ALA C 53 12.61 -27.39 -16.70
N LYS C 54 12.67 -28.48 -15.92
CA LYS C 54 11.72 -29.57 -16.08
C LYS C 54 10.45 -29.19 -15.30
N VAL C 55 9.27 -29.35 -15.92
CA VAL C 55 8.00 -28.92 -15.36
C VAL C 55 7.02 -30.09 -15.04
N ALA C 56 6.66 -30.27 -13.77
CA ALA C 56 5.48 -31.06 -13.42
C ALA C 56 4.27 -30.16 -13.72
N VAL C 57 3.44 -30.63 -14.66
CA VAL C 57 2.26 -29.96 -15.11
C VAL C 57 1.09 -30.63 -14.34
N ASN C 58 0.65 -29.96 -13.27
CA ASN C 58 -0.47 -30.37 -12.42
C ASN C 58 -1.85 -30.01 -12.97
N TYR C 59 -2.83 -30.87 -12.76
CA TYR C 59 -4.15 -30.65 -13.28
C TYR C 59 -5.19 -31.30 -12.38
N ALA C 60 -6.44 -30.95 -12.59
CA ALA C 60 -7.52 -31.51 -11.80
C ALA C 60 -8.56 -32.28 -12.66
N SER C 61 -9.04 -31.66 -13.74
CA SER C 61 -10.04 -32.26 -14.68
C SER C 61 -9.46 -32.58 -16.05
N SER C 62 -8.85 -31.56 -16.66
CA SER C 62 -8.43 -31.54 -18.08
C SER C 62 -7.15 -32.40 -18.38
N ALA C 63 -7.29 -33.73 -18.40
CA ALA C 63 -6.10 -34.57 -18.65
C ALA C 63 -5.61 -34.39 -20.09
N GLY C 64 -6.56 -34.17 -21.01
CA GLY C 64 -6.23 -33.91 -22.40
C GLY C 64 -5.43 -32.61 -22.54
N ALA C 65 -5.96 -31.54 -21.94
CA ALA C 65 -5.26 -30.25 -21.99
C ALA C 65 -3.88 -30.36 -21.35
N ALA C 66 -3.80 -30.99 -20.18
CA ALA C 66 -2.51 -31.26 -19.57
C ALA C 66 -1.49 -31.93 -20.52
N ASP C 67 -1.92 -32.94 -21.29
CA ASP C 67 -1.01 -33.65 -22.18
C ASP C 67 -0.57 -32.77 -23.36
N GLU C 68 -1.49 -31.89 -23.76
CA GLU C 68 -1.16 -30.89 -24.79
C GLU C 68 -0.02 -29.99 -24.28
N VAL C 69 -0.06 -29.64 -23.00
CA VAL C 69 1.01 -28.84 -22.43
C VAL C 69 2.36 -29.55 -22.41
N VAL C 70 2.35 -30.77 -21.87
CA VAL C 70 3.52 -31.63 -21.90
C VAL C 70 4.10 -31.74 -23.32
N ALA C 71 3.24 -31.93 -24.33
CA ALA C 71 3.69 -32.16 -25.75
C ALA C 71 4.29 -30.88 -26.38
N ALA C 72 3.68 -29.76 -26.00
CA ALA C 72 4.10 -28.44 -26.47
C ALA C 72 5.46 -28.11 -25.92
N ILE C 73 5.67 -28.42 -24.65
CA ILE C 73 6.95 -28.23 -24.03
C ILE C 73 7.97 -29.12 -24.80
N ALA C 74 7.62 -30.40 -25.00
CA ALA C 74 8.44 -31.36 -25.78
C ALA C 74 8.79 -30.82 -27.19
N ALA C 75 7.81 -30.28 -27.89
CA ALA C 75 8.03 -29.88 -29.28
C ALA C 75 9.02 -28.69 -29.39
N ALA C 76 8.95 -27.77 -28.42
CA ALA C 76 9.94 -26.70 -28.28
C ALA C 76 11.28 -27.16 -27.68
N GLY C 77 11.42 -28.46 -27.39
CA GLY C 77 12.70 -28.94 -26.89
C GLY C 77 12.89 -29.01 -25.37
N GLY C 78 11.80 -28.95 -24.60
CA GLY C 78 11.91 -29.11 -23.15
C GLY C 78 11.38 -30.42 -22.57
N GLU C 79 11.34 -30.46 -21.24
CA GLU C 79 10.85 -31.64 -20.52
C GLU C 79 9.76 -31.33 -19.50
N ALA C 80 8.68 -32.09 -19.56
CA ALA C 80 7.60 -31.93 -18.64
C ALA C 80 6.94 -33.27 -18.39
N PHE C 81 6.05 -33.29 -17.40
CA PHE C 81 5.40 -34.49 -16.97
C PHE C 81 4.07 -34.10 -16.34
N ALA C 82 2.99 -34.79 -16.70
CA ALA C 82 1.64 -34.45 -16.15
C ALA C 82 1.27 -35.25 -14.91
N VAL C 83 0.79 -34.59 -13.85
CA VAL C 83 0.33 -35.24 -12.61
C VAL C 83 -1.02 -34.68 -12.13
N LYS C 84 -1.96 -35.59 -11.90
CA LYS C 84 -3.36 -35.26 -11.57
C LYS C 84 -3.31 -35.00 -10.11
N ALA C 85 -3.94 -33.90 -9.67
CA ALA C 85 -4.12 -33.67 -8.25
C ALA C 85 -4.95 -32.44 -7.96
N ASP C 86 -5.99 -32.65 -7.14
CA ASP C 86 -6.87 -31.63 -6.64
C ASP C 86 -6.16 -30.97 -5.46
N VAL C 87 -5.63 -29.76 -5.68
CA VAL C 87 -4.71 -29.21 -4.64
C VAL C 87 -5.39 -28.63 -3.39
N SER C 88 -6.71 -28.62 -3.35
CA SER C 88 -7.40 -28.40 -2.08
C SER C 88 -7.34 -29.59 -1.12
N GLN C 89 -6.86 -30.74 -1.60
CA GLN C 89 -6.83 -31.96 -0.73
C GLN C 89 -5.47 -32.30 -0.19
N GLU C 90 -5.37 -32.37 1.12
CA GLU C 90 -4.09 -32.64 1.77
C GLU C 90 -3.41 -33.88 1.19
N SER C 91 -4.15 -35.00 1.17
CA SER C 91 -3.55 -36.27 0.70
C SER C 91 -3.16 -36.22 -0.79
N GLU C 92 -3.91 -35.48 -1.62
CA GLU C 92 -3.51 -35.32 -3.02
C GLU C 92 -2.30 -34.39 -3.21
N VAL C 93 -2.10 -33.43 -2.32
CA VAL C 93 -0.93 -32.60 -2.34
C VAL C 93 0.32 -33.37 -1.93
N GLU C 94 0.17 -34.14 -0.87
CA GLU C 94 1.25 -35.03 -0.44
C GLU C 94 1.78 -35.92 -1.56
N ALA C 95 0.85 -36.56 -2.28
CA ALA C 95 1.19 -37.44 -3.41
C ALA C 95 1.75 -36.72 -4.62
N LEU C 96 1.23 -35.51 -4.87
CA LEU C 96 1.69 -34.64 -5.95
C LEU C 96 3.18 -34.37 -5.79
N PHE C 97 3.56 -33.86 -4.63
CA PHE C 97 4.95 -33.62 -4.29
C PHE C 97 5.80 -34.87 -4.27
N ALA C 98 5.32 -35.95 -3.67
CA ALA C 98 6.09 -37.20 -3.59
C ALA C 98 6.36 -37.71 -5.01
N ALA C 99 5.42 -37.48 -5.92
CA ALA C 99 5.64 -37.94 -7.30
C ALA C 99 6.70 -37.15 -8.00
N VAL C 100 6.76 -35.83 -7.74
CA VAL C 100 7.83 -35.01 -8.40
C VAL C 100 9.22 -35.39 -7.86
N ILE C 101 9.33 -35.55 -6.54
CA ILE C 101 10.59 -35.99 -5.95
C ILE C 101 10.95 -37.39 -6.47
N GLU C 102 9.99 -38.31 -6.53
CA GLU C 102 10.32 -39.61 -7.06
C GLU C 102 10.94 -39.53 -8.45
N ARG C 103 10.50 -38.59 -9.26
CA ARG C 103 10.90 -38.60 -10.64
C ARG C 103 12.18 -37.82 -10.86
N TRP C 104 12.31 -36.69 -10.15
CA TRP C 104 13.37 -35.78 -10.44
C TRP C 104 14.27 -35.53 -9.26
N GLY C 105 13.81 -35.87 -8.06
CA GLY C 105 14.66 -35.85 -6.85
C GLY C 105 14.92 -34.49 -6.17
N ARG C 106 14.28 -33.43 -6.69
CA ARG C 106 14.44 -32.10 -6.14
C ARG C 106 13.31 -31.23 -6.66
N LEU C 107 13.15 -30.06 -6.04
CA LEU C 107 12.14 -29.07 -6.48
C LEU C 107 12.70 -27.65 -6.32
N ASP C 108 12.80 -26.89 -7.41
CA ASP C 108 13.49 -25.63 -7.27
C ASP C 108 12.55 -24.46 -7.22
N VAL C 109 11.39 -24.65 -7.86
CA VAL C 109 10.45 -23.61 -8.11
C VAL C 109 9.03 -24.18 -7.99
N LEU C 110 8.23 -23.56 -7.12
CA LEU C 110 6.83 -23.89 -6.98
C LEU C 110 6.03 -22.67 -7.43
N VAL C 111 5.15 -22.84 -8.41
CA VAL C 111 4.15 -21.84 -8.73
C VAL C 111 2.75 -22.32 -8.34
N ASN C 112 2.17 -21.64 -7.37
CA ASN C 112 0.78 -21.83 -6.96
C ASN C 112 -0.18 -21.04 -7.83
N ASN C 113 -0.71 -21.68 -8.85
CA ASN C 113 -1.56 -21.04 -9.82
C ASN C 113 -3.01 -21.50 -9.81
N ALA C 114 -3.31 -22.70 -9.26
CA ALA C 114 -4.67 -23.29 -9.33
C ALA C 114 -5.66 -22.38 -8.63
N GLY C 115 -6.78 -22.12 -9.29
CA GLY C 115 -7.84 -21.31 -8.74
C GLY C 115 -9.11 -21.32 -9.56
N ILE C 116 -10.20 -20.95 -8.90
CA ILE C 116 -11.53 -20.94 -9.46
C ILE C 116 -12.21 -19.66 -8.99
N THR C 117 -13.15 -19.19 -9.80
CA THR C 117 -14.16 -18.23 -9.35
C THR C 117 -15.52 -18.93 -9.08
N ARG C 118 -16.26 -18.38 -8.11
CA ARG C 118 -17.70 -18.68 -7.95
C ARG C 118 -18.36 -17.34 -7.74
N ASP C 119 -18.58 -16.58 -8.80
CA ASP C 119 -19.02 -15.19 -8.63
C ASP C 119 -20.50 -15.04 -8.21
N THR C 120 -20.73 -14.21 -7.20
CA THR C 120 -22.08 -13.82 -6.74
C THR C 120 -21.95 -12.72 -5.70
N LEU C 121 -22.88 -11.76 -5.74
CA LEU C 121 -22.99 -10.71 -4.71
C LEU C 121 -23.14 -11.31 -3.32
N LEU C 122 -22.64 -10.62 -2.31
CA LEU C 122 -22.56 -11.19 -0.97
C LEU C 122 -23.93 -11.59 -0.49
N LEU C 123 -24.96 -10.80 -0.82
CA LEU C 123 -26.31 -11.13 -0.35
C LEU C 123 -26.77 -12.55 -0.73
N ARG C 124 -26.51 -12.95 -1.96
CA ARG C 124 -26.88 -14.26 -2.42
C ARG C 124 -25.81 -15.36 -2.32
N MET C 125 -24.76 -15.19 -1.52
CA MET C 125 -23.57 -16.06 -1.62
C MET C 125 -23.68 -17.23 -0.66
N LYS C 126 -23.58 -18.45 -1.21
CA LYS C 126 -23.77 -19.65 -0.37
C LYS C 126 -22.49 -20.06 0.35
N ARG C 127 -22.66 -20.58 1.55
CA ARG C 127 -21.62 -21.35 2.23
C ARG C 127 -20.71 -22.07 1.25
N ASP C 128 -21.27 -22.95 0.40
CA ASP C 128 -20.48 -23.70 -0.56
C ASP C 128 -19.63 -22.85 -1.54
N ASP C 129 -20.18 -21.76 -2.06
CA ASP C 129 -19.43 -20.94 -3.01
C ASP C 129 -18.25 -20.28 -2.29
N TRP C 130 -18.50 -19.80 -1.09
CA TRP C 130 -17.45 -19.28 -0.24
C TRP C 130 -16.38 -20.34 -0.01
N GLN C 131 -16.77 -21.50 0.47
CA GLN C 131 -15.78 -22.48 0.95
C GLN C 131 -14.97 -23.04 -0.16
N SER C 132 -15.56 -23.29 -1.32
CA SER C 132 -14.79 -24.01 -2.32
C SER C 132 -13.72 -23.09 -2.94
N VAL C 133 -14.06 -21.80 -3.11
CA VAL C 133 -13.08 -20.81 -3.50
C VAL C 133 -11.95 -20.60 -2.44
N LEU C 134 -12.28 -20.46 -1.14
CA LEU C 134 -11.21 -20.40 -0.09
C LEU C 134 -10.30 -21.65 0.01
N ASP C 135 -10.92 -22.85 -0.08
CA ASP C 135 -10.23 -24.15 0.06
C ASP C 135 -9.18 -24.36 -1.01
N LEU C 136 -9.51 -23.99 -2.26
CA LEU C 136 -8.54 -24.12 -3.36
C LEU C 136 -7.60 -22.93 -3.41
N ASN C 137 -8.15 -21.72 -3.52
CA ASN C 137 -7.37 -20.54 -3.82
C ASN C 137 -6.42 -20.17 -2.65
N LEU C 138 -6.79 -20.50 -1.41
CA LEU C 138 -5.98 -20.12 -0.24
C LEU C 138 -5.53 -21.40 0.43
N GLY C 139 -6.46 -22.34 0.61
CA GLY C 139 -6.12 -23.61 1.23
C GLY C 139 -5.01 -24.32 0.45
N GLY C 140 -5.12 -24.35 -0.86
CA GLY C 140 -4.14 -25.02 -1.66
C GLY C 140 -2.75 -24.38 -1.56
N VAL C 141 -2.69 -23.05 -1.45
CA VAL C 141 -1.41 -22.36 -1.42
C VAL C 141 -0.72 -22.73 -0.10
N PHE C 142 -1.49 -22.80 0.98
CA PHE C 142 -0.99 -23.32 2.24
C PHE C 142 -0.47 -24.79 2.13
N LEU C 143 -1.28 -25.71 1.56
CA LEU C 143 -0.85 -27.08 1.46
C LEU C 143 0.43 -27.21 0.63
N CYS C 144 0.42 -26.64 -0.57
CA CYS C 144 1.57 -26.74 -1.47
C CYS C 144 2.78 -26.02 -0.92
N SER C 145 2.57 -24.90 -0.21
CA SER C 145 3.70 -24.22 0.38
C SER C 145 4.29 -24.97 1.53
N ARG C 146 3.46 -25.63 2.31
CA ARG C 146 4.00 -26.42 3.41
C ARG C 146 4.90 -27.50 2.79
N ALA C 147 4.36 -28.23 1.81
CA ALA C 147 5.10 -29.36 1.19
C ALA C 147 6.38 -28.86 0.56
N ALA C 148 6.31 -27.75 -0.17
CA ALA C 148 7.52 -27.17 -0.76
C ALA C 148 8.54 -26.74 0.26
N ALA C 149 8.07 -26.24 1.38
CA ALA C 149 9.01 -25.65 2.32
C ALA C 149 9.91 -26.74 2.91
N LYS C 150 9.31 -27.90 3.16
CA LYS C 150 10.01 -29.11 3.65
C LYS C 150 11.19 -29.47 2.75
N ILE C 151 10.95 -29.46 1.45
CA ILE C 151 11.96 -29.84 0.47
C ILE C 151 12.98 -28.75 0.25
N MET C 152 12.54 -27.50 0.19
CA MET C 152 13.45 -26.41 -0.10
C MET C 152 14.36 -26.09 1.08
N LEU C 153 13.85 -26.23 2.30
CA LEU C 153 14.70 -26.06 3.50
C LEU C 153 15.85 -27.09 3.56
N LYS C 154 15.57 -28.35 3.25
CA LYS C 154 16.59 -29.37 3.03
C LYS C 154 17.62 -28.91 1.96
N GLN C 155 17.10 -28.42 0.83
CA GLN C 155 17.91 -27.94 -0.27
C GLN C 155 18.74 -26.70 0.06
N ARG C 156 18.25 -25.91 1.01
CA ARG C 156 18.69 -24.53 1.25
C ARG C 156 18.57 -23.62 0.01
N SER C 157 17.59 -23.85 -0.84
CA SER C 157 17.39 -22.99 -2.00
C SER C 157 16.02 -23.27 -2.49
N GLY C 158 15.47 -22.35 -3.28
CA GLY C 158 14.21 -22.55 -3.92
C GLY C 158 13.49 -21.23 -4.05
N ARG C 159 12.43 -21.22 -4.85
CA ARG C 159 11.59 -20.03 -5.00
C ARG C 159 10.13 -20.45 -5.11
N ILE C 160 9.24 -19.77 -4.40
CA ILE C 160 7.82 -19.99 -4.51
C ILE C 160 7.19 -18.70 -5.04
N ILE C 161 6.31 -18.85 -6.02
CA ILE C 161 5.63 -17.72 -6.59
C ILE C 161 4.17 -18.08 -6.54
N ASN C 162 3.40 -17.26 -5.83
CA ASN C 162 1.95 -17.38 -5.71
C ASN C 162 1.25 -16.43 -6.67
N ILE C 163 0.25 -16.90 -7.40
CA ILE C 163 -0.55 -16.05 -8.25
C ILE C 163 -1.71 -15.51 -7.44
N ALA C 164 -1.66 -14.21 -7.16
CA ALA C 164 -2.76 -13.62 -6.43
C ALA C 164 -3.64 -12.95 -7.44
N SER C 165 -4.00 -11.69 -7.26
CA SER C 165 -4.91 -11.00 -8.19
C SER C 165 -5.08 -9.62 -7.66
N VAL C 166 -5.13 -8.62 -8.54
CA VAL C 166 -5.33 -7.23 -8.06
C VAL C 166 -6.67 -7.14 -7.28
N VAL C 167 -7.57 -8.10 -7.56
CA VAL C 167 -8.84 -8.12 -6.91
C VAL C 167 -8.64 -8.30 -5.40
N GLY C 168 -7.60 -9.02 -5.03
CA GLY C 168 -7.16 -9.12 -3.66
C GLY C 168 -6.69 -7.80 -3.06
N GLU C 169 -6.26 -6.83 -3.86
CA GLU C 169 -5.77 -5.63 -3.26
C GLU C 169 -6.86 -4.56 -3.20
N MET C 170 -7.79 -4.52 -4.15
CA MET C 170 -8.79 -3.43 -4.25
C MET C 170 -10.23 -3.89 -4.01
N GLY C 171 -10.47 -5.19 -4.04
CA GLY C 171 -11.84 -5.71 -3.86
C GLY C 171 -12.58 -5.57 -5.18
N ASN C 172 -13.72 -6.24 -5.29
CA ASN C 172 -14.42 -6.20 -6.57
C ASN C 172 -15.82 -6.76 -6.39
N PRO C 173 -16.85 -5.98 -6.73
CA PRO C 173 -18.23 -6.51 -6.48
C PRO C 173 -18.44 -7.92 -7.05
N GLY C 174 -19.06 -8.81 -6.27
CA GLY C 174 -19.47 -10.12 -6.79
C GLY C 174 -18.38 -11.14 -6.52
N GLN C 175 -17.32 -10.75 -5.81
CA GLN C 175 -16.25 -11.70 -5.58
C GLN C 175 -15.74 -11.63 -4.18
N ALA C 176 -16.62 -11.55 -3.20
CA ALA C 176 -16.09 -11.45 -1.84
C ALA C 176 -15.26 -12.69 -1.53
N ASN C 177 -15.68 -13.85 -2.06
CA ASN C 177 -14.90 -15.06 -1.83
C ASN C 177 -13.51 -14.97 -2.47
N TYR C 178 -13.48 -14.58 -3.72
CA TYR C 178 -12.23 -14.52 -4.47
C TYR C 178 -11.26 -13.49 -3.91
N SER C 179 -11.77 -12.31 -3.56
CA SER C 179 -10.92 -11.26 -3.05
C SER C 179 -10.39 -11.63 -1.68
N ALA C 180 -11.20 -12.27 -0.84
CA ALA C 180 -10.73 -12.65 0.49
C ALA C 180 -9.58 -13.67 0.34
N ALA C 181 -9.73 -14.62 -0.58
CA ALA C 181 -8.78 -15.70 -0.79
C ALA C 181 -7.46 -15.17 -1.36
N LYS C 182 -7.58 -14.34 -2.40
CA LYS C 182 -6.42 -13.71 -3.02
C LYS C 182 -5.63 -12.76 -2.09
N ALA C 183 -6.35 -11.94 -1.33
CA ALA C 183 -5.74 -11.09 -0.31
C ALA C 183 -5.13 -12.01 0.74
N GLY C 184 -5.81 -13.10 1.06
CA GLY C 184 -5.20 -14.11 1.95
C GLY C 184 -3.88 -14.67 1.41
N VAL C 185 -3.84 -15.03 0.12
CA VAL C 185 -2.58 -15.46 -0.51
C VAL C 185 -1.41 -14.44 -0.30
N ILE C 186 -1.75 -13.15 -0.36
CA ILE C 186 -0.73 -12.09 -0.24
C ILE C 186 -0.22 -12.10 1.16
N GLY C 187 -1.08 -12.17 2.16
CA GLY C 187 -0.60 -12.24 3.55
C GLY C 187 0.25 -13.45 3.88
N LEU C 188 -0.24 -14.62 3.49
CA LEU C 188 0.51 -15.84 3.51
C LEU C 188 1.86 -15.72 2.82
N THR C 189 1.89 -15.14 1.61
CA THR C 189 3.15 -14.98 0.89
C THR C 189 4.21 -14.33 1.79
N LYS C 190 3.80 -13.33 2.57
CA LYS C 190 4.73 -12.52 3.36
C LYS C 190 5.26 -13.26 4.60
N THR C 191 4.35 -14.00 5.25
CA THR C 191 4.69 -14.83 6.37
C THR C 191 5.68 -15.87 5.95
N VAL C 192 5.41 -16.52 4.84
CA VAL C 192 6.26 -17.61 4.44
C VAL C 192 7.63 -17.07 3.98
N ALA C 193 7.62 -15.91 3.35
CA ALA C 193 8.86 -15.29 2.93
C ALA C 193 9.74 -15.08 4.15
N LYS C 194 9.16 -14.53 5.20
CA LYS C 194 9.91 -14.31 6.46
C LYS C 194 10.37 -15.57 7.14
N GLU C 195 9.53 -16.61 7.12
CA GLU C 195 9.95 -17.91 7.65
C GLU C 195 11.08 -18.55 6.83
N LEU C 196 11.07 -18.46 5.51
CA LEU C 196 12.09 -19.19 4.71
C LEU C 196 13.30 -18.34 4.31
N ALA C 197 13.23 -17.03 4.54
CA ALA C 197 14.28 -16.08 4.17
C ALA C 197 15.70 -16.47 4.64
N SER C 198 15.83 -16.93 5.87
CA SER C 198 17.19 -17.17 6.34
C SER C 198 17.91 -18.36 5.63
N ARG C 199 17.19 -19.16 4.87
CA ARG C 199 17.84 -20.16 3.99
C ARG C 199 17.89 -19.71 2.53
N GLY C 200 17.65 -18.43 2.27
CA GLY C 200 17.79 -17.88 0.91
C GLY C 200 16.62 -18.19 -0.05
N ILE C 201 15.55 -18.85 0.45
CA ILE C 201 14.34 -19.17 -0.34
C ILE C 201 13.49 -17.91 -0.51
N THR C 202 13.18 -17.52 -1.74
CA THR C 202 12.30 -16.36 -1.94
C THR C 202 10.87 -16.78 -2.12
N VAL C 203 9.98 -15.92 -1.65
CA VAL C 203 8.56 -16.22 -1.70
C VAL C 203 7.89 -14.92 -2.10
N ASN C 204 7.29 -14.92 -3.31
CA ASN C 204 6.69 -13.74 -3.91
C ASN C 204 5.30 -14.01 -4.53
N ALA C 205 4.51 -12.95 -4.79
CA ALA C 205 3.24 -13.06 -5.51
C ALA C 205 3.28 -12.15 -6.74
N VAL C 206 2.57 -12.63 -7.75
CA VAL C 206 2.29 -11.92 -8.97
C VAL C 206 0.77 -11.75 -8.96
N ALA C 207 0.32 -10.49 -9.08
CA ALA C 207 -1.10 -10.16 -9.05
C ALA C 207 -1.54 -9.67 -10.47
N PRO C 208 -2.10 -10.55 -11.26
CA PRO C 208 -2.62 -10.15 -12.57
C PRO C 208 -3.87 -9.26 -12.46
N GLY C 209 -4.02 -8.31 -13.38
CA GLY C 209 -5.25 -7.51 -13.54
C GLY C 209 -6.18 -8.35 -14.41
N PHE C 210 -6.70 -7.79 -15.50
CA PHE C 210 -7.56 -8.57 -16.40
C PHE C 210 -6.79 -9.18 -17.57
N ILE C 211 -6.80 -10.50 -17.65
CA ILE C 211 -6.03 -11.21 -18.64
C ILE C 211 -6.98 -11.97 -19.54
N ALA C 212 -6.72 -11.97 -20.85
CA ALA C 212 -7.60 -12.70 -21.80
C ALA C 212 -7.53 -14.25 -21.63
N THR C 213 -8.53 -14.81 -20.94
CA THR C 213 -8.49 -16.18 -20.39
C THR C 213 -9.94 -16.75 -20.35
N ASP C 214 -10.13 -17.94 -19.72
CA ASP C 214 -11.48 -18.57 -19.51
C ASP C 214 -12.47 -17.76 -18.62
N MET C 215 -12.12 -16.50 -18.33
CA MET C 215 -12.95 -15.58 -17.55
C MET C 215 -14.03 -14.85 -18.40
N GLU C 222 -17.06 -5.76 -19.75
CA GLU C 222 -16.17 -6.06 -20.87
C GLU C 222 -15.84 -4.86 -21.76
N LYS C 223 -16.53 -3.74 -21.52
CA LYS C 223 -16.02 -2.39 -21.86
C LYS C 223 -15.49 -1.66 -20.58
N LEU C 224 -14.90 -2.46 -19.68
CA LEU C 224 -14.09 -1.99 -18.53
C LEU C 224 -12.60 -1.85 -18.91
N LEU C 225 -12.36 -1.71 -20.20
CA LEU C 225 -11.08 -1.26 -20.73
C LEU C 225 -10.86 0.23 -20.44
N GLU C 226 -11.92 0.94 -20.05
CA GLU C 226 -11.81 2.37 -19.87
C GLU C 226 -10.99 2.68 -18.59
N VAL C 227 -10.94 1.71 -17.68
CA VAL C 227 -10.36 1.87 -16.36
C VAL C 227 -8.91 1.34 -16.29
N ILE C 228 -8.46 0.71 -17.40
CA ILE C 228 -7.10 0.21 -17.58
C ILE C 228 -6.28 1.19 -18.39
N PRO C 229 -5.30 1.82 -17.76
CA PRO C 229 -4.53 2.83 -18.45
C PRO C 229 -3.94 2.37 -19.78
N LEU C 230 -3.37 1.18 -19.84
CA LEU C 230 -2.85 0.68 -21.12
C LEU C 230 -3.95 0.32 -22.17
N GLY C 231 -5.22 0.28 -21.72
CA GLY C 231 -6.39 0.14 -22.64
C GLY C 231 -6.47 -1.19 -23.40
N ARG C 232 -6.05 -2.27 -22.75
CA ARG C 232 -6.24 -3.63 -23.28
C ARG C 232 -6.10 -4.55 -22.13
N TYR C 233 -6.61 -5.76 -22.32
CA TYR C 233 -6.38 -6.84 -21.40
C TYR C 233 -4.94 -7.31 -21.54
N GLY C 234 -4.44 -7.93 -20.47
CA GLY C 234 -3.15 -8.62 -20.53
C GLY C 234 -3.22 -9.99 -21.20
N GLU C 235 -2.07 -10.46 -21.66
CA GLU C 235 -1.91 -11.81 -22.19
C GLU C 235 -1.30 -12.71 -21.10
N ALA C 236 -1.75 -13.95 -21.14
CA ALA C 236 -1.24 -15.03 -20.31
C ALA C 236 0.29 -15.10 -20.34
N ALA C 237 0.88 -14.89 -21.51
CA ALA C 237 2.34 -14.98 -21.68
C ALA C 237 2.99 -13.83 -20.94
N GLU C 238 2.29 -12.70 -20.83
CA GLU C 238 2.82 -11.58 -20.05
C GLU C 238 2.95 -11.96 -18.58
N VAL C 239 1.90 -12.54 -17.98
CA VAL C 239 1.99 -13.04 -16.58
C VAL C 239 3.12 -14.04 -16.44
N ALA C 240 3.20 -14.97 -17.37
CA ALA C 240 4.31 -15.93 -17.40
C ALA C 240 5.67 -15.27 -17.40
N GLY C 241 5.82 -14.13 -18.09
CA GLY C 241 7.14 -13.52 -18.15
C GLY C 241 7.58 -13.03 -16.78
N VAL C 242 6.65 -12.43 -16.03
CA VAL C 242 6.99 -11.92 -14.68
C VAL C 242 7.31 -13.10 -13.76
N VAL C 243 6.48 -14.16 -13.83
CA VAL C 243 6.74 -15.36 -13.04
C VAL C 243 8.14 -15.94 -13.33
N ARG C 244 8.49 -16.06 -14.60
CA ARG C 244 9.82 -16.58 -14.94
C ARG C 244 10.92 -15.67 -14.36
N PHE C 245 10.73 -14.35 -14.43
CA PHE C 245 11.72 -13.44 -13.90
C PHE C 245 11.94 -13.74 -12.43
N LEU C 246 10.85 -13.79 -11.65
CA LEU C 246 10.99 -14.09 -10.22
C LEU C 246 11.64 -15.44 -9.99
N ALA C 247 11.30 -16.41 -10.85
CA ALA C 247 11.76 -17.81 -10.66
C ALA C 247 13.18 -18.05 -11.10
N ALA C 248 13.61 -17.36 -12.16
CA ALA C 248 14.86 -17.70 -12.84
C ALA C 248 15.95 -16.60 -12.75
N ASP C 249 15.56 -15.32 -12.69
CA ASP C 249 16.55 -14.26 -12.81
C ASP C 249 17.45 -14.12 -11.57
N PRO C 250 18.78 -14.05 -11.78
CA PRO C 250 19.63 -13.85 -10.60
C PRO C 250 19.26 -12.58 -9.81
N ALA C 251 18.71 -11.56 -10.46
CA ALA C 251 18.39 -10.33 -9.72
C ALA C 251 17.26 -10.59 -8.69
N ALA C 252 16.41 -11.58 -8.94
CA ALA C 252 15.30 -11.84 -8.05
C ALA C 252 15.69 -12.66 -6.84
N ALA C 253 16.94 -13.14 -6.77
CA ALA C 253 17.44 -13.70 -5.50
C ALA C 253 17.27 -12.67 -4.40
N TYR C 254 17.14 -11.37 -4.71
CA TYR C 254 17.04 -10.39 -3.61
C TYR C 254 15.64 -9.81 -3.40
N ILE C 255 14.66 -10.33 -4.14
CA ILE C 255 13.24 -9.93 -4.03
C ILE C 255 12.52 -10.99 -3.19
N THR C 256 11.93 -10.55 -2.10
CA THR C 256 11.11 -11.49 -1.34
C THR C 256 10.05 -10.80 -0.56
N GLY C 257 8.95 -11.52 -0.39
CA GLY C 257 7.72 -10.98 0.21
C GLY C 257 7.06 -9.88 -0.62
N GLN C 258 7.25 -9.85 -1.94
CA GLN C 258 6.62 -8.80 -2.77
C GLN C 258 5.41 -9.24 -3.57
N VAL C 259 4.58 -8.25 -3.91
CA VAL C 259 3.50 -8.45 -4.87
C VAL C 259 3.82 -7.60 -6.11
N ILE C 260 4.04 -8.25 -7.25
CA ILE C 260 4.19 -7.50 -8.49
C ILE C 260 2.85 -7.53 -9.28
N ASN C 261 2.24 -6.35 -9.44
CA ASN C 261 1.04 -6.16 -10.28
C ASN C 261 1.40 -6.18 -11.75
N ILE C 262 0.69 -7.01 -12.51
CA ILE C 262 0.86 -7.00 -13.97
C ILE C 262 -0.54 -6.81 -14.51
N ASP C 263 -0.91 -5.53 -14.64
CA ASP C 263 -2.30 -5.16 -14.74
C ASP C 263 -2.56 -3.94 -15.63
N GLY C 264 -1.55 -3.54 -16.42
CA GLY C 264 -1.71 -2.39 -17.30
C GLY C 264 -2.05 -1.08 -16.56
N GLY C 265 -1.70 -0.99 -15.27
CA GLY C 265 -1.89 0.22 -14.53
C GLY C 265 -3.21 0.29 -13.78
N LEU C 266 -3.97 -0.80 -13.77
CA LEU C 266 -5.27 -0.84 -13.08
C LEU C 266 -5.22 -0.40 -11.63
N VAL C 267 -4.25 -0.98 -10.90
CA VAL C 267 -4.07 -0.66 -9.52
C VAL C 267 -2.64 -0.12 -9.29
N MET C 268 -2.51 1.10 -8.79
CA MET C 268 -1.21 1.69 -8.62
C MET C 268 -0.88 1.94 -7.12
N ALA C 269 -0.99 0.90 -6.28
CA ALA C 269 -1.16 1.11 -4.79
C ALA C 269 -2.00 2.40 -4.37
N LEU D 24 -25.72 11.83 22.43
CA LEU D 24 -24.82 10.64 22.29
C LEU D 24 -25.16 10.08 20.92
N PRO D 25 -24.13 9.91 20.05
CA PRO D 25 -24.34 9.65 18.59
C PRO D 25 -25.01 8.30 18.26
N LEU D 26 -24.91 7.34 19.15
CA LEU D 26 -25.52 6.06 18.86
C LEU D 26 -26.86 5.76 19.59
N THR D 27 -27.47 6.76 20.26
CA THR D 27 -28.71 6.45 20.99
C THR D 27 -29.75 6.09 19.97
N ASP D 28 -30.42 4.99 20.26
CA ASP D 28 -31.46 4.42 19.43
C ASP D 28 -30.88 3.55 18.35
N ARG D 29 -29.54 3.41 18.38
CA ARG D 29 -28.83 2.51 17.45
C ARG D 29 -28.38 1.24 18.18
N ILE D 30 -28.43 0.13 17.45
CA ILE D 30 -28.06 -1.19 17.92
C ILE D 30 -26.67 -1.64 17.39
N ALA D 31 -25.83 -2.16 18.30
CA ALA D 31 -24.55 -2.70 17.92
C ALA D 31 -24.43 -4.13 18.32
N LEU D 32 -23.94 -4.94 17.37
CA LEU D 32 -23.50 -6.28 17.68
C LEU D 32 -21.97 -6.33 17.53
N VAL D 33 -21.32 -6.82 18.58
CA VAL D 33 -19.92 -7.04 18.62
C VAL D 33 -19.66 -8.53 18.89
N THR D 34 -18.99 -9.21 17.94
CA THR D 34 -18.63 -10.61 18.15
C THR D 34 -17.40 -10.74 19.03
N GLY D 35 -17.29 -11.88 19.73
CA GLY D 35 -16.22 -12.11 20.73
C GLY D 35 -16.04 -10.97 21.72
N ALA D 36 -17.12 -10.58 22.39
CA ALA D 36 -17.12 -9.37 23.21
C ALA D 36 -16.92 -9.59 24.72
N SER D 37 -16.54 -10.79 25.12
CA SER D 37 -16.50 -11.08 26.56
C SER D 37 -15.23 -10.61 27.27
N ARG D 38 -14.12 -10.51 26.52
CA ARG D 38 -12.77 -10.18 27.05
C ARG D 38 -12.02 -9.24 26.09
N GLY D 39 -11.01 -8.53 26.59
CA GLY D 39 -10.10 -7.80 25.74
C GLY D 39 -10.72 -6.75 24.85
N ILE D 40 -10.31 -6.78 23.58
CA ILE D 40 -10.62 -5.74 22.62
C ILE D 40 -12.13 -5.73 22.36
N GLY D 41 -12.73 -6.91 22.17
CA GLY D 41 -14.19 -6.97 22.05
C GLY D 41 -14.98 -6.36 23.21
N ARG D 42 -14.52 -6.59 24.45
CA ARG D 42 -15.16 -6.08 25.65
C ARG D 42 -15.00 -4.59 25.61
N ALA D 43 -13.76 -4.14 25.44
CA ALA D 43 -13.50 -2.72 25.27
C ALA D 43 -14.39 -2.08 24.18
N ILE D 44 -14.63 -2.76 23.06
CA ILE D 44 -15.46 -2.19 21.97
C ILE D 44 -16.93 -2.08 22.41
N ALA D 45 -17.48 -3.16 22.98
CA ALA D 45 -18.80 -3.14 23.64
C ALA D 45 -19.00 -1.96 24.59
N LEU D 46 -18.07 -1.77 25.52
CA LEU D 46 -18.19 -0.71 26.50
C LEU D 46 -18.17 0.66 25.87
N GLU D 47 -17.25 0.88 24.94
CA GLU D 47 -17.16 2.14 24.22
C GLU D 47 -18.41 2.36 23.35
N LEU D 48 -18.94 1.32 22.73
CA LEU D 48 -20.10 1.52 21.88
C LEU D 48 -21.29 1.93 22.75
N ALA D 49 -21.45 1.21 23.88
CA ALA D 49 -22.48 1.45 24.90
C ALA D 49 -22.46 2.88 25.40
N ALA D 50 -21.26 3.42 25.63
CA ALA D 50 -21.08 4.75 26.18
C ALA D 50 -21.28 5.86 25.15
N ALA D 51 -21.12 5.55 23.87
CA ALA D 51 -21.56 6.47 22.81
C ALA D 51 -23.06 6.33 22.62
N GLY D 52 -23.68 5.49 23.45
CA GLY D 52 -25.13 5.45 23.55
C GLY D 52 -25.84 4.35 22.81
N ALA D 53 -25.11 3.33 22.32
CA ALA D 53 -25.69 2.20 21.55
C ALA D 53 -26.27 1.13 22.45
N LYS D 54 -27.26 0.41 21.95
CA LYS D 54 -27.75 -0.79 22.62
C LYS D 54 -26.84 -1.87 22.10
N VAL D 55 -26.16 -2.57 23.01
CA VAL D 55 -25.10 -3.48 22.59
C VAL D 55 -25.41 -4.95 22.83
N ALA D 56 -25.29 -5.75 21.77
CA ALA D 56 -25.27 -7.19 21.93
C ALA D 56 -23.87 -7.76 22.10
N VAL D 57 -23.63 -8.32 23.28
CA VAL D 57 -22.37 -8.91 23.65
C VAL D 57 -22.36 -10.40 23.25
N ASN D 58 -21.75 -10.70 22.11
CA ASN D 58 -21.57 -12.08 21.69
C ASN D 58 -20.43 -12.78 22.43
N TYR D 59 -20.59 -14.09 22.62
CA TYR D 59 -19.57 -15.00 23.16
C TYR D 59 -19.83 -16.44 22.69
N ALA D 60 -18.89 -17.33 23.05
CA ALA D 60 -18.85 -18.70 22.54
C ALA D 60 -18.77 -19.76 23.66
N SER D 61 -18.14 -19.42 24.80
CA SER D 61 -18.04 -20.34 25.94
C SER D 61 -17.94 -19.66 27.31
N SER D 62 -17.50 -18.40 27.34
CA SER D 62 -17.28 -17.61 28.58
C SER D 62 -18.45 -16.68 29.01
N ALA D 63 -19.49 -17.31 29.56
CA ALA D 63 -20.79 -16.65 29.79
C ALA D 63 -20.73 -15.66 30.92
N GLY D 64 -19.98 -16.02 31.96
CA GLY D 64 -19.68 -15.13 33.08
C GLY D 64 -18.87 -13.87 32.75
N ALA D 65 -17.92 -13.98 31.84
CA ALA D 65 -17.16 -12.79 31.41
C ALA D 65 -18.07 -11.89 30.59
N ALA D 66 -18.88 -12.50 29.73
CA ALA D 66 -19.96 -11.78 29.03
C ALA D 66 -20.95 -11.04 29.98
N ASP D 67 -21.45 -11.72 31.03
CA ASP D 67 -22.43 -11.14 32.00
C ASP D 67 -21.77 -9.93 32.67
N GLU D 68 -20.49 -10.08 33.05
CA GLU D 68 -19.73 -8.97 33.63
C GLU D 68 -19.79 -7.75 32.71
N VAL D 69 -19.67 -7.99 31.39
CA VAL D 69 -19.67 -6.92 30.36
C VAL D 69 -21.04 -6.26 30.29
N VAL D 70 -22.11 -7.06 30.18
CA VAL D 70 -23.49 -6.55 30.22
C VAL D 70 -23.81 -5.71 31.46
N ALA D 71 -23.43 -6.23 32.63
CA ALA D 71 -23.54 -5.52 33.92
C ALA D 71 -22.69 -4.27 33.99
N ALA D 72 -21.46 -4.33 33.49
CA ALA D 72 -20.64 -3.12 33.40
C ALA D 72 -21.34 -2.02 32.60
N ILE D 73 -21.95 -2.39 31.45
CA ILE D 73 -22.80 -1.50 30.60
C ILE D 73 -24.01 -0.93 31.35
N ALA D 74 -24.87 -1.81 31.89
CA ALA D 74 -26.04 -1.41 32.69
C ALA D 74 -25.63 -0.51 33.86
N ALA D 75 -24.55 -0.85 34.54
CA ALA D 75 -24.04 -0.02 35.65
C ALA D 75 -23.71 1.47 35.32
N ALA D 76 -23.16 1.75 34.12
CA ALA D 76 -22.97 3.14 33.64
C ALA D 76 -24.19 3.72 32.91
N GLY D 77 -25.35 3.10 33.18
CA GLY D 77 -26.67 3.55 32.67
C GLY D 77 -26.98 3.22 31.22
N GLY D 78 -26.63 2.01 30.77
CA GLY D 78 -26.77 1.61 29.36
C GLY D 78 -27.44 0.28 29.19
N GLU D 79 -27.68 -0.09 27.93
CA GLU D 79 -28.47 -1.28 27.60
C GLU D 79 -27.64 -2.31 26.81
N ALA D 80 -27.60 -3.58 27.26
CA ALA D 80 -26.84 -4.63 26.58
C ALA D 80 -27.44 -5.97 26.90
N PHE D 81 -27.15 -7.01 26.12
CA PHE D 81 -27.44 -8.36 26.58
C PHE D 81 -26.48 -9.36 26.01
N ALA D 82 -26.21 -10.43 26.75
CA ALA D 82 -25.29 -11.51 26.30
C ALA D 82 -25.96 -12.55 25.39
N VAL D 83 -25.31 -12.90 24.28
CA VAL D 83 -25.80 -13.95 23.36
C VAL D 83 -24.73 -15.01 22.95
N LYS D 84 -25.03 -16.28 23.16
CA LYS D 84 -24.05 -17.30 22.87
C LYS D 84 -24.15 -17.66 21.39
N ALA D 85 -23.02 -17.63 20.70
CA ALA D 85 -22.93 -18.13 19.35
C ALA D 85 -21.46 -18.23 18.96
N ASP D 86 -21.07 -19.46 18.59
CA ASP D 86 -19.84 -19.77 17.90
C ASP D 86 -20.07 -19.21 16.50
N VAL D 87 -19.43 -18.08 16.18
CA VAL D 87 -19.69 -17.36 14.92
C VAL D 87 -19.02 -17.99 13.69
N SER D 88 -18.42 -19.17 13.87
CA SER D 88 -17.90 -19.89 12.71
C SER D 88 -18.94 -20.84 12.12
N GLN D 89 -20.07 -21.01 12.81
CA GLN D 89 -21.15 -21.89 12.34
C GLN D 89 -22.31 -21.11 11.69
N GLU D 90 -22.59 -21.33 10.41
CA GLU D 90 -23.77 -20.74 9.71
C GLU D 90 -25.11 -20.66 10.53
N SER D 91 -25.66 -21.80 10.99
CA SER D 91 -26.92 -21.76 11.76
C SER D 91 -26.79 -20.90 13.02
N GLU D 92 -25.65 -21.06 13.70
CA GLU D 92 -25.43 -20.33 14.96
C GLU D 92 -25.30 -18.84 14.77
N VAL D 93 -24.87 -18.42 13.58
CA VAL D 93 -24.88 -17.02 13.19
C VAL D 93 -26.29 -16.55 12.89
N GLU D 94 -26.97 -17.24 11.99
CA GLU D 94 -28.42 -16.92 11.77
C GLU D 94 -29.22 -16.72 13.08
N ALA D 95 -29.08 -17.69 13.99
CA ALA D 95 -29.68 -17.65 15.35
C ALA D 95 -29.25 -16.40 16.12
N LEU D 96 -27.93 -16.13 16.08
CA LEU D 96 -27.33 -14.92 16.71
C LEU D 96 -27.99 -13.65 16.25
N PHE D 97 -28.06 -13.49 14.92
CA PHE D 97 -28.67 -12.30 14.33
C PHE D 97 -30.17 -12.24 14.60
N ALA D 98 -30.91 -13.33 14.33
CA ALA D 98 -32.33 -13.41 14.65
C ALA D 98 -32.59 -12.82 16.05
N ALA D 99 -31.87 -13.33 17.05
CA ALA D 99 -31.95 -12.85 18.43
C ALA D 99 -31.86 -11.32 18.54
N VAL D 100 -30.97 -10.73 17.75
CA VAL D 100 -30.83 -9.28 17.81
C VAL D 100 -32.02 -8.59 17.20
N ILE D 101 -32.44 -9.04 16.03
CA ILE D 101 -33.65 -8.53 15.39
C ILE D 101 -34.86 -8.76 16.34
N GLU D 102 -34.89 -9.95 16.94
CA GLU D 102 -35.97 -10.38 17.84
C GLU D 102 -36.10 -9.40 18.98
N ARG D 103 -34.97 -8.98 19.54
CA ARG D 103 -34.95 -8.06 20.67
C ARG D 103 -35.27 -6.60 20.33
N TRP D 104 -34.60 -6.05 19.31
CA TRP D 104 -34.61 -4.59 19.09
C TRP D 104 -35.06 -4.15 17.70
N GLY D 105 -35.31 -5.13 16.85
CA GLY D 105 -35.89 -4.83 15.54
C GLY D 105 -35.01 -4.09 14.54
N ARG D 106 -33.70 -4.19 14.70
CA ARG D 106 -32.77 -3.55 13.77
C ARG D 106 -31.27 -3.83 14.14
N LEU D 107 -30.36 -3.44 13.24
CA LEU D 107 -28.93 -3.54 13.45
C LEU D 107 -28.21 -2.44 12.73
N ASP D 108 -27.55 -1.60 13.50
CA ASP D 108 -26.85 -0.42 12.96
C ASP D 108 -25.31 -0.54 12.78
N VAL D 109 -24.64 -1.24 13.69
CA VAL D 109 -23.23 -1.32 13.74
C VAL D 109 -22.88 -2.76 14.03
N LEU D 110 -22.12 -3.39 13.14
CA LEU D 110 -21.54 -4.72 13.39
C LEU D 110 -19.99 -4.59 13.52
N VAL D 111 -19.44 -5.14 14.60
CA VAL D 111 -18.02 -5.23 14.73
C VAL D 111 -17.70 -6.72 14.72
N ASN D 112 -16.95 -7.15 13.70
CA ASN D 112 -16.42 -8.49 13.60
C ASN D 112 -15.09 -8.55 14.32
N ASN D 113 -15.14 -9.06 15.55
CA ASN D 113 -13.95 -9.06 16.41
C ASN D 113 -13.52 -10.44 16.80
N ALA D 114 -14.40 -11.45 16.70
CA ALA D 114 -14.08 -12.77 17.29
C ALA D 114 -12.95 -13.35 16.51
N GLY D 115 -11.88 -13.77 17.21
CA GLY D 115 -10.75 -14.44 16.57
C GLY D 115 -9.90 -15.26 17.53
N ILE D 116 -9.14 -16.22 16.98
CA ILE D 116 -8.19 -17.02 17.75
C ILE D 116 -6.86 -17.08 17.03
N THR D 117 -5.82 -17.42 17.77
CA THR D 117 -4.57 -17.80 17.15
C THR D 117 -4.31 -19.26 17.49
N ARG D 118 -3.40 -19.85 16.75
CA ARG D 118 -2.98 -21.21 16.92
C ARG D 118 -1.60 -21.22 16.26
N ASP D 119 -0.63 -20.60 16.92
CA ASP D 119 0.65 -20.26 16.26
C ASP D 119 1.59 -21.45 16.14
N THR D 120 2.22 -21.57 14.97
CA THR D 120 3.30 -22.52 14.75
C THR D 120 4.03 -22.23 13.42
N LEU D 121 5.31 -22.53 13.34
CA LEU D 121 6.04 -22.41 12.07
C LEU D 121 5.36 -23.23 10.96
N LEU D 122 5.25 -22.67 9.75
CA LEU D 122 4.64 -23.36 8.59
C LEU D 122 4.99 -24.84 8.44
N LEU D 123 6.29 -25.18 8.56
CA LEU D 123 6.71 -26.60 8.54
C LEU D 123 5.86 -27.52 9.39
N ARG D 124 5.55 -27.09 10.60
CA ARG D 124 4.93 -27.92 11.60
C ARG D 124 3.46 -27.63 11.72
N MET D 125 2.90 -26.75 10.89
CA MET D 125 1.49 -26.37 11.06
C MET D 125 0.57 -27.52 10.61
N LYS D 126 -0.22 -28.04 11.53
CA LYS D 126 -1.17 -29.09 11.19
C LYS D 126 -2.41 -28.54 10.50
N ARG D 127 -3.01 -29.34 9.63
CA ARG D 127 -4.15 -28.87 8.88
C ARG D 127 -5.27 -28.20 9.70
N ASP D 128 -5.59 -28.80 10.85
CA ASP D 128 -6.68 -28.30 11.69
C ASP D 128 -6.33 -27.04 12.46
N ASP D 129 -5.04 -26.77 12.60
CA ASP D 129 -4.60 -25.51 13.16
C ASP D 129 -4.69 -24.40 12.10
N TRP D 130 -4.50 -24.75 10.84
CA TRP D 130 -4.74 -23.83 9.76
C TRP D 130 -6.26 -23.54 9.68
N GLN D 131 -7.07 -24.60 9.67
CA GLN D 131 -8.51 -24.52 9.36
C GLN D 131 -9.31 -23.80 10.45
N SER D 132 -9.07 -24.12 11.71
CA SER D 132 -9.86 -23.50 12.74
C SER D 132 -9.66 -21.98 12.72
N VAL D 133 -8.43 -21.54 12.51
CA VAL D 133 -8.13 -20.12 12.45
C VAL D 133 -8.82 -19.46 11.24
N LEU D 134 -8.78 -20.11 10.08
CA LEU D 134 -9.42 -19.55 8.93
C LEU D 134 -10.92 -19.53 9.11
N ASP D 135 -11.47 -20.62 9.63
CA ASP D 135 -12.93 -20.76 9.79
C ASP D 135 -13.51 -19.71 10.72
N LEU D 136 -12.81 -19.38 11.79
CA LEU D 136 -13.30 -18.38 12.69
C LEU D 136 -12.89 -16.97 12.22
N ASN D 137 -11.58 -16.74 12.03
CA ASN D 137 -11.08 -15.39 11.81
C ASN D 137 -11.57 -14.78 10.50
N LEU D 138 -11.76 -15.61 9.48
CA LEU D 138 -12.18 -15.19 8.15
C LEU D 138 -13.60 -15.66 7.81
N GLY D 139 -13.84 -16.99 7.93
CA GLY D 139 -15.17 -17.53 7.71
C GLY D 139 -16.21 -16.79 8.57
N GLY D 140 -15.88 -16.53 9.84
CA GLY D 140 -16.79 -15.86 10.77
C GLY D 140 -17.19 -14.49 10.26
N VAL D 141 -16.22 -13.76 9.72
CA VAL D 141 -16.43 -12.45 9.11
C VAL D 141 -17.32 -12.57 7.84
N PHE D 142 -17.10 -13.62 7.06
CA PHE D 142 -18.01 -13.85 5.94
C PHE D 142 -19.46 -14.07 6.44
N LEU D 143 -19.65 -14.96 7.42
CA LEU D 143 -21.03 -15.26 7.90
C LEU D 143 -21.68 -14.04 8.50
N CYS D 144 -20.95 -13.31 9.34
CA CYS D 144 -21.63 -12.18 10.02
C CYS D 144 -21.94 -11.03 9.06
N SER D 145 -21.08 -10.82 8.06
CA SER D 145 -21.21 -9.71 7.12
C SER D 145 -22.27 -10.00 6.09
N ARG D 146 -22.37 -11.24 5.67
CA ARG D 146 -23.58 -11.66 4.91
C ARG D 146 -24.89 -11.37 5.69
N ALA D 147 -24.94 -11.83 6.93
CA ALA D 147 -26.15 -11.69 7.73
C ALA D 147 -26.37 -10.21 8.04
N ALA D 148 -25.30 -9.46 8.25
CA ALA D 148 -25.50 -8.01 8.41
C ALA D 148 -25.97 -7.31 7.12
N ALA D 149 -25.46 -7.72 5.96
CA ALA D 149 -25.81 -7.03 4.69
C ALA D 149 -27.34 -7.01 4.39
N LYS D 150 -28.00 -8.14 4.58
CA LYS D 150 -29.46 -8.23 4.38
C LYS D 150 -30.23 -7.15 5.18
N ILE D 151 -30.01 -7.12 6.50
CA ILE D 151 -30.67 -6.16 7.37
C ILE D 151 -30.35 -4.75 6.90
N MET D 152 -29.06 -4.42 6.81
CA MET D 152 -28.62 -3.05 6.43
C MET D 152 -28.98 -2.57 5.01
N LEU D 153 -28.98 -3.42 4.01
CA LEU D 153 -29.61 -3.05 2.73
C LEU D 153 -31.12 -2.70 2.90
N LYS D 154 -31.89 -3.49 3.69
CA LYS D 154 -33.32 -3.16 3.97
C LYS D 154 -33.47 -1.84 4.70
N GLN D 155 -32.53 -1.52 5.59
CA GLN D 155 -32.55 -0.22 6.28
C GLN D 155 -32.00 0.94 5.45
N ARG D 156 -31.34 0.63 4.34
CA ARG D 156 -30.39 1.53 3.58
C ARG D 156 -29.48 2.40 4.48
N SER D 157 -28.98 1.79 5.55
CA SER D 157 -28.04 2.47 6.42
C SER D 157 -27.24 1.45 7.23
N GLY D 158 -26.06 1.82 7.70
CA GLY D 158 -25.32 0.93 8.62
C GLY D 158 -23.81 1.00 8.48
N ARG D 159 -23.10 0.45 9.47
CA ARG D 159 -21.63 0.37 9.43
C ARG D 159 -21.13 -0.96 9.97
N ILE D 160 -20.24 -1.58 9.17
CA ILE D 160 -19.50 -2.76 9.52
C ILE D 160 -18.02 -2.40 9.72
N ILE D 161 -17.47 -2.84 10.86
CA ILE D 161 -16.08 -2.68 11.19
C ILE D 161 -15.47 -4.05 11.46
N ASN D 162 -14.43 -4.38 10.71
CA ASN D 162 -13.73 -5.61 10.91
C ASN D 162 -12.42 -5.32 11.62
N ILE D 163 -12.15 -6.15 12.62
CA ILE D 163 -10.91 -6.12 13.30
C ILE D 163 -9.90 -7.04 12.59
N ALA D 164 -8.96 -6.45 11.86
CA ALA D 164 -7.97 -7.24 11.12
C ALA D 164 -6.77 -7.31 12.02
N SER D 165 -5.61 -6.98 11.51
CA SER D 165 -4.38 -7.05 12.28
C SER D 165 -3.31 -6.68 11.31
N VAL D 166 -2.39 -5.90 11.84
CA VAL D 166 -1.20 -5.48 11.14
C VAL D 166 -0.38 -6.70 10.62
N VAL D 167 -0.53 -7.84 11.28
CA VAL D 167 0.12 -9.10 10.79
C VAL D 167 -0.43 -9.52 9.42
N GLY D 168 -1.68 -9.18 9.16
CA GLY D 168 -2.25 -9.37 7.87
C GLY D 168 -1.59 -8.49 6.80
N GLU D 169 -1.03 -7.34 7.17
CA GLU D 169 -0.37 -6.48 6.20
C GLU D 169 1.10 -6.78 5.94
N MET D 170 1.79 -7.27 6.95
CA MET D 170 3.24 -7.42 6.84
C MET D 170 3.72 -8.88 6.97
N GLY D 171 2.83 -9.78 7.34
CA GLY D 171 3.26 -11.14 7.69
C GLY D 171 4.03 -11.23 8.99
N ASN D 172 4.19 -12.45 9.48
CA ASN D 172 4.84 -12.63 10.78
C ASN D 172 5.16 -14.12 10.99
N PRO D 173 6.44 -14.49 11.17
CA PRO D 173 6.86 -15.89 11.45
C PRO D 173 5.97 -16.58 12.50
N GLY D 174 5.62 -17.83 12.28
CA GLY D 174 4.74 -18.53 13.21
C GLY D 174 3.24 -18.33 12.98
N GLN D 175 2.84 -17.50 11.99
CA GLN D 175 1.43 -17.09 11.95
C GLN D 175 0.88 -17.16 10.54
N ALA D 176 1.36 -18.13 9.78
CA ALA D 176 0.84 -18.34 8.46
C ALA D 176 -0.68 -18.36 8.45
N ASN D 177 -1.29 -19.07 9.39
CA ASN D 177 -2.76 -19.14 9.42
C ASN D 177 -3.41 -17.79 9.76
N TYR D 178 -2.90 -17.15 10.80
CA TYR D 178 -3.52 -15.90 11.27
C TYR D 178 -3.40 -14.71 10.29
N SER D 179 -2.22 -14.56 9.64
CA SER D 179 -2.01 -13.48 8.65
C SER D 179 -2.79 -13.72 7.33
N ALA D 180 -2.87 -14.98 6.90
CA ALA D 180 -3.68 -15.32 5.77
C ALA D 180 -5.12 -14.88 6.12
N ALA D 181 -5.57 -15.21 7.33
CA ALA D 181 -6.95 -14.93 7.69
C ALA D 181 -7.21 -13.43 7.74
N LYS D 182 -6.30 -12.72 8.38
CA LYS D 182 -6.47 -11.31 8.57
C LYS D 182 -6.19 -10.53 7.29
N ALA D 183 -5.32 -11.00 6.40
CA ALA D 183 -5.22 -10.37 5.07
C ALA D 183 -6.53 -10.64 4.34
N GLY D 184 -7.07 -11.84 4.45
CA GLY D 184 -8.38 -12.18 3.87
C GLY D 184 -9.47 -11.23 4.34
N VAL D 185 -9.49 -10.95 5.64
CA VAL D 185 -10.42 -9.99 6.21
C VAL D 185 -10.28 -8.63 5.53
N ILE D 186 -9.05 -8.23 5.21
CA ILE D 186 -8.86 -6.92 4.59
C ILE D 186 -9.45 -6.96 3.17
N GLY D 187 -9.18 -8.04 2.42
CA GLY D 187 -9.68 -8.15 1.03
C GLY D 187 -11.20 -8.22 1.02
N LEU D 188 -11.76 -9.03 1.90
CA LEU D 188 -13.18 -9.09 2.13
C LEU D 188 -13.82 -7.74 2.47
N THR D 189 -13.22 -6.99 3.41
CA THR D 189 -13.72 -5.64 3.78
C THR D 189 -13.93 -4.76 2.51
N LYS D 190 -12.95 -4.83 1.59
CA LYS D 190 -13.00 -3.94 0.46
C LYS D 190 -14.07 -4.32 -0.53
N THR D 191 -14.26 -5.61 -0.77
CA THR D 191 -15.35 -6.01 -1.65
C THR D 191 -16.75 -5.63 -1.09
N VAL D 192 -16.96 -5.91 0.20
CA VAL D 192 -18.25 -5.76 0.85
C VAL D 192 -18.53 -4.28 0.82
N ALA D 193 -17.52 -3.45 1.13
CA ALA D 193 -17.62 -1.99 0.95
C ALA D 193 -18.14 -1.62 -0.41
N LYS D 194 -17.64 -2.29 -1.41
CA LYS D 194 -18.00 -1.89 -2.74
C LYS D 194 -19.45 -2.30 -3.06
N GLU D 195 -19.89 -3.47 -2.55
CA GLU D 195 -21.25 -3.94 -2.82
C GLU D 195 -22.30 -3.06 -2.11
N LEU D 196 -21.96 -2.57 -0.90
CA LEU D 196 -22.92 -2.01 0.02
C LEU D 196 -22.96 -0.48 -0.07
N ALA D 197 -21.93 0.09 -0.69
CA ALA D 197 -21.76 1.55 -0.79
C ALA D 197 -22.95 2.35 -1.37
N SER D 198 -23.64 1.75 -2.34
CA SER D 198 -24.67 2.50 -3.09
C SER D 198 -25.82 2.91 -2.14
N ARG D 199 -25.90 2.22 -1.01
CA ARG D 199 -26.90 2.57 0.00
C ARG D 199 -26.29 3.22 1.24
N GLY D 200 -25.08 3.77 1.11
CA GLY D 200 -24.47 4.53 2.19
C GLY D 200 -24.02 3.72 3.43
N ILE D 201 -23.99 2.39 3.31
CA ILE D 201 -23.45 1.49 4.32
C ILE D 201 -21.91 1.53 4.16
N THR D 202 -21.16 1.74 5.25
CA THR D 202 -19.69 1.79 5.19
C THR D 202 -19.13 0.51 5.78
N VAL D 203 -17.95 0.13 5.30
CA VAL D 203 -17.32 -1.13 5.70
C VAL D 203 -15.84 -0.85 5.76
N ASN D 204 -15.25 -0.97 6.95
CA ASN D 204 -13.83 -0.70 7.16
C ASN D 204 -13.21 -1.70 8.11
N ALA D 205 -11.88 -1.71 8.19
CA ALA D 205 -11.21 -2.55 9.12
C ALA D 205 -10.38 -1.70 10.04
N VAL D 206 -10.17 -2.21 11.23
CA VAL D 206 -9.28 -1.58 12.10
C VAL D 206 -8.21 -2.65 12.28
N ALA D 207 -6.92 -2.25 12.17
CA ALA D 207 -5.81 -3.21 12.31
C ALA D 207 -4.95 -2.92 13.54
N PRO D 208 -5.14 -3.65 14.62
CA PRO D 208 -4.33 -3.37 15.80
C PRO D 208 -2.92 -3.88 15.58
N GLY D 209 -1.93 -3.26 16.23
CA GLY D 209 -0.62 -3.89 16.39
C GLY D 209 -0.56 -4.85 17.57
N PHE D 210 0.42 -4.63 18.44
CA PHE D 210 0.45 -5.36 19.68
C PHE D 210 -0.29 -4.60 20.79
N ILE D 211 -1.36 -5.24 21.25
CA ILE D 211 -2.23 -4.72 22.28
C ILE D 211 -2.10 -5.49 23.58
N ALA D 212 -2.08 -4.75 24.69
CA ALA D 212 -1.72 -5.29 26.00
C ALA D 212 -2.54 -6.47 26.51
N THR D 213 -3.76 -6.68 26.02
CA THR D 213 -4.47 -7.97 26.33
C THR D 213 -3.62 -9.28 26.17
N LYS D 223 13.20 -6.93 22.58
CA LYS D 223 12.34 -7.59 21.59
C LYS D 223 11.22 -6.60 21.31
N LEU D 224 10.44 -6.85 20.24
CA LEU D 224 9.09 -6.25 19.97
C LEU D 224 8.85 -4.76 20.31
N LEU D 225 9.20 -4.33 21.52
CA LEU D 225 9.21 -2.90 21.93
C LEU D 225 10.37 -2.05 21.35
N GLU D 226 11.26 -2.68 20.59
CA GLU D 226 12.36 -1.95 19.98
C GLU D 226 11.88 -1.54 18.60
N VAL D 227 10.87 -2.27 18.13
CA VAL D 227 10.43 -2.17 16.77
C VAL D 227 9.11 -1.34 16.66
N ILE D 228 8.49 -1.06 17.79
CA ILE D 228 7.35 -0.18 17.84
C ILE D 228 7.83 1.25 18.13
N PRO D 229 7.64 2.16 17.18
CA PRO D 229 8.10 3.54 17.39
C PRO D 229 7.68 4.22 18.73
N LEU D 230 6.44 4.08 19.16
CA LEU D 230 5.95 4.70 20.38
C LEU D 230 6.35 3.93 21.63
N GLY D 231 6.98 2.78 21.47
CA GLY D 231 7.76 2.24 22.59
C GLY D 231 6.89 1.57 23.65
N ARG D 232 5.72 1.09 23.26
CA ARG D 232 4.79 0.48 24.19
C ARG D 232 3.76 -0.29 23.40
N TYR D 233 3.09 -1.25 24.04
CA TYR D 233 1.95 -1.91 23.43
C TYR D 233 0.77 -0.95 23.50
N GLY D 234 -0.23 -1.14 22.64
CA GLY D 234 -1.46 -0.39 22.76
C GLY D 234 -2.39 -1.00 23.80
N GLU D 235 -3.48 -0.29 24.06
CA GLU D 235 -4.52 -0.70 25.00
C GLU D 235 -5.80 -1.03 24.26
N ALA D 236 -6.57 -1.93 24.85
CA ALA D 236 -7.83 -2.32 24.27
C ALA D 236 -8.74 -1.12 24.08
N ALA D 237 -8.73 -0.19 25.03
CA ALA D 237 -9.60 0.99 24.96
C ALA D 237 -9.17 1.89 23.81
N GLU D 238 -7.90 1.77 23.41
CA GLU D 238 -7.43 2.59 22.29
C GLU D 238 -8.01 2.06 20.96
N VAL D 239 -7.96 0.75 20.78
CA VAL D 239 -8.57 0.20 19.58
C VAL D 239 -10.10 0.42 19.52
N ALA D 240 -10.76 0.24 20.68
CA ALA D 240 -12.15 0.60 20.87
C ALA D 240 -12.44 2.05 20.40
N GLY D 241 -11.66 3.03 20.84
CA GLY D 241 -11.81 4.46 20.34
C GLY D 241 -11.90 4.61 18.82
N VAL D 242 -11.09 3.80 18.10
CA VAL D 242 -11.03 3.83 16.63
C VAL D 242 -12.29 3.20 16.11
N VAL D 243 -12.70 2.11 16.73
CA VAL D 243 -13.95 1.49 16.27
C VAL D 243 -15.14 2.47 16.44
N ARG D 244 -15.29 3.04 17.63
CA ARG D 244 -16.32 4.09 17.89
C ARG D 244 -16.30 5.22 16.85
N PHE D 245 -15.09 5.77 16.57
CA PHE D 245 -14.99 6.81 15.56
C PHE D 245 -15.60 6.29 14.28
N LEU D 246 -15.23 5.08 13.84
CA LEU D 246 -15.76 4.64 12.55
C LEU D 246 -17.25 4.37 12.63
N ALA D 247 -17.67 3.88 13.79
CA ALA D 247 -19.06 3.48 13.94
C ALA D 247 -19.98 4.66 14.13
N ALA D 248 -19.47 5.77 14.68
CA ALA D 248 -20.40 6.77 15.27
C ALA D 248 -20.17 8.17 14.80
N ASP D 249 -18.92 8.52 14.47
CA ASP D 249 -18.67 9.86 14.00
C ASP D 249 -19.32 10.08 12.65
N PRO D 250 -20.01 11.23 12.48
CA PRO D 250 -20.59 11.51 11.13
C PRO D 250 -19.50 11.81 10.06
N ALA D 251 -18.29 12.16 10.51
CA ALA D 251 -17.16 12.26 9.59
C ALA D 251 -16.91 10.93 8.83
N ALA D 252 -17.01 9.82 9.56
CA ALA D 252 -16.72 8.51 8.99
C ALA D 252 -17.82 8.05 8.01
N ALA D 253 -18.87 8.85 7.81
CA ALA D 253 -19.88 8.52 6.78
C ALA D 253 -19.21 8.41 5.43
N TYR D 254 -18.16 9.20 5.21
CA TYR D 254 -17.44 9.30 3.95
C TYR D 254 -16.17 8.37 3.86
N ILE D 255 -15.93 7.58 4.92
CA ILE D 255 -14.80 6.65 4.98
C ILE D 255 -15.29 5.21 4.71
N THR D 256 -14.84 4.58 3.60
CA THR D 256 -15.21 3.18 3.37
C THR D 256 -14.13 2.45 2.65
N GLY D 257 -14.05 1.16 2.89
CA GLY D 257 -13.05 0.33 2.27
C GLY D 257 -11.62 0.59 2.78
N GLN D 258 -11.50 1.13 4.01
CA GLN D 258 -10.18 1.56 4.51
C GLN D 258 -9.75 0.62 5.60
N VAL D 259 -8.44 0.57 5.82
CA VAL D 259 -7.89 -0.17 6.97
C VAL D 259 -7.17 0.85 7.78
N ILE D 260 -7.52 0.99 9.04
CA ILE D 260 -6.84 1.89 9.92
C ILE D 260 -5.97 1.15 10.93
N ASN D 261 -4.66 1.41 10.87
CA ASN D 261 -3.71 0.73 11.74
C ASN D 261 -3.62 1.46 13.07
N ILE D 262 -3.73 0.71 14.16
CA ILE D 262 -3.54 1.33 15.45
C ILE D 262 -2.44 0.47 16.12
N ASP D 263 -1.18 0.87 15.92
CA ASP D 263 -0.09 -0.09 16.09
C ASP D 263 1.14 0.60 16.55
N GLY D 264 1.03 1.87 16.95
CA GLY D 264 2.18 2.57 17.55
C GLY D 264 3.27 2.95 16.56
N GLY D 265 2.92 2.95 15.26
CA GLY D 265 3.90 3.15 14.15
C GLY D 265 4.59 1.89 13.68
N LEU D 266 4.20 0.72 14.17
CA LEU D 266 4.89 -0.50 13.74
C LEU D 266 4.89 -0.75 12.20
N VAL D 267 3.76 -0.45 11.55
CA VAL D 267 3.67 -0.65 10.11
C VAL D 267 3.20 0.65 9.52
N MET D 268 4.06 1.29 8.75
CA MET D 268 3.70 2.53 8.05
C MET D 268 3.79 2.38 6.52
N ALA D 269 4.39 1.33 6.02
CA ALA D 269 4.49 1.26 4.54
C ALA D 269 3.13 0.80 3.90
S SO4 E . -4.77 31.46 1.76
O1 SO4 E . -5.52 31.57 0.52
O2 SO4 E . -4.77 32.82 2.29
O3 SO4 E . -5.32 30.55 2.80
O4 SO4 E . -3.41 31.07 1.42
PA NAP F . 26.19 6.69 -5.27
O1A NAP F . 26.56 8.06 -4.81
O2A NAP F . 27.32 5.61 -5.80
O5B NAP F . 26.29 7.25 -6.84
C5B NAP F . 25.65 8.57 -7.26
C4B NAP F . 25.65 8.85 -8.82
O4B NAP F . 24.71 9.93 -9.33
C3B NAP F . 27.03 9.20 -9.39
O3B NAP F . 27.06 8.71 -10.77
C2B NAP F . 26.96 10.73 -9.41
O2B NAP F . 27.76 11.19 -10.48
C1B NAP F . 25.52 11.03 -9.84
N9A NAP F . 25.12 12.38 -9.47
C8A NAP F . 25.20 12.98 -8.27
N7A NAP F . 24.71 14.24 -8.39
C5A NAP F . 24.25 14.41 -9.65
C6A NAP F . 23.60 15.48 -10.37
N6A NAP F . 23.34 16.67 -9.79
N1A NAP F . 23.29 15.33 -11.67
C2A NAP F . 23.58 14.18 -12.30
N3A NAP F . 24.15 13.17 -11.64
C4A NAP F . 24.52 13.24 -10.34
O3 NAP F . 24.59 6.39 -5.63
PN NAP F . 23.86 4.91 -5.67
O1N NAP F . 23.81 4.25 -4.32
O2N NAP F . 24.45 4.17 -6.84
O5D NAP F . 22.42 5.57 -5.95
C5D NAP F . 21.80 5.54 -7.26
C4D NAP F . 20.32 5.80 -7.10
O4D NAP F . 19.96 4.69 -6.27
C3D NAP F . 20.11 7.09 -6.26
O3D NAP F . 18.88 7.63 -6.68
C2D NAP F . 19.95 6.55 -4.83
O2D NAP F . 19.23 7.48 -3.99
C1D NAP F . 19.20 5.23 -5.17
N1N NAP F . 19.09 4.25 -4.07
C2N NAP F . 20.28 3.76 -3.48
C3N NAP F . 20.17 2.87 -2.38
C7N NAP F . 21.50 2.37 -1.77
O7N NAP F . 22.59 2.70 -2.29
N7N NAP F . 21.34 1.53 -0.75
C4N NAP F . 18.90 2.48 -1.88
C5N NAP F . 17.72 2.96 -2.47
C6N NAP F . 17.80 3.82 -3.58
P2B NAP F . 29.27 11.79 -10.15
O1X NAP F . 30.08 10.55 -10.07
O2X NAP F . 29.70 12.67 -11.43
O3X NAP F . 29.18 12.82 -8.93
PA NAP G . -8.57 -20.74 -16.14
O1A NAP G . -9.72 -21.59 -15.64
O2A NAP G . -7.78 -20.93 -17.65
O5B NAP G . -7.59 -22.07 -15.80
C5B NAP G . -7.69 -22.68 -14.46
C4B NAP G . -6.64 -23.78 -14.14
O4B NAP G . -6.76 -24.21 -12.73
C3B NAP G . -6.83 -25.03 -14.98
O3B NAP G . -5.56 -25.34 -15.53
C2B NAP G . -7.32 -26.10 -13.98
O2B NAP G . -6.97 -27.46 -14.29
C1B NAP G . -6.65 -25.68 -12.69
N9A NAP G . -7.42 -26.21 -11.50
C8A NAP G . -8.71 -25.90 -11.23
N7A NAP G . -9.08 -26.50 -10.08
C5A NAP G . -8.02 -27.19 -9.60
C6A NAP G . -7.82 -28.00 -8.47
N6A NAP G . -8.79 -28.24 -7.59
N1A NAP G . -6.59 -28.54 -8.28
C2A NAP G . -5.60 -28.35 -9.16
N3A NAP G . -5.78 -27.60 -10.26
C4A NAP G . -6.97 -27.01 -10.51
O3 NAP G . -7.58 -20.00 -14.98
PN NAP G . -6.59 -18.69 -15.32
O1N NAP G . -7.48 -17.53 -15.60
O2N NAP G . -5.54 -19.12 -16.29
O5D NAP G . -5.94 -18.37 -13.86
C5D NAP G . -4.66 -18.76 -13.36
C4D NAP G . -4.52 -18.19 -11.96
O4D NAP G . -4.40 -16.76 -12.12
C3D NAP G . -5.77 -18.42 -11.06
O3D NAP G . -5.39 -18.51 -9.69
C2D NAP G . -6.59 -17.16 -11.24
O2D NAP G . -7.52 -17.03 -10.13
C1D NAP G . -5.42 -16.11 -11.28
N1N NAP G . -5.80 -14.76 -11.84
C2N NAP G . -6.41 -14.68 -13.12
C3N NAP G . -6.78 -13.42 -13.64
C7N NAP G . -7.45 -13.35 -15.04
O7N NAP G . -7.45 -14.35 -15.79
N7N NAP G . -8.07 -12.18 -15.31
C4N NAP G . -6.56 -12.25 -12.89
C5N NAP G . -5.96 -12.34 -11.62
C6N NAP G . -5.57 -13.59 -11.10
P2B NAP G . -8.24 -28.34 -14.72
O1X NAP G . -8.97 -27.78 -15.91
O2X NAP G . -7.71 -29.80 -14.88
O3X NAP G . -9.27 -28.59 -13.49
PA NAP H . -8.79 -12.50 23.59
O1A NAP H . -8.79 -14.01 23.44
O2A NAP H . -9.41 -11.81 24.98
O5B NAP H . -10.46 -12.56 23.19
C5B NAP H . -11.07 -13.44 22.13
C4B NAP H . -12.63 -13.35 21.96
O4B NAP H . -13.04 -14.25 20.90
C3B NAP H . -13.42 -13.81 23.22
O3B NAP H . -14.44 -12.86 23.57
C2B NAP H . -14.05 -15.15 22.78
O2B NAP H . -15.28 -15.41 23.45
C1B NAP H . -14.26 -14.90 21.29
N9A NAP H . -14.39 -16.19 20.57
C8A NAP H . -13.45 -17.15 20.58
N7A NAP H . -13.90 -18.17 19.83
C5A NAP H . -15.09 -17.86 19.32
C6A NAP H . -15.99 -18.54 18.48
N6A NAP H . -15.71 -19.75 18.02
N1A NAP H . -17.16 -17.92 18.17
C2A NAP H . -17.46 -16.71 18.66
N3A NAP H . -16.61 -16.06 19.45
C4A NAP H . -15.42 -16.59 19.81
O3 NAP H . -8.85 -11.54 22.16
PN NAP H . -8.29 -9.99 21.89
O1N NAP H . -6.82 -9.90 22.10
O2N NAP H . -9.21 -9.04 22.60
O5D NAP H . -8.59 -9.99 20.29
C5D NAP H . -9.82 -9.54 19.63
C4D NAP H . -9.61 -9.31 18.12
O4D NAP H . -8.49 -8.36 17.83
C3D NAP H . -9.27 -10.63 17.37
O3D NAP H . -9.78 -10.68 16.02
C2D NAP H . -7.74 -10.57 17.39
O2D NAP H . -7.21 -11.58 16.51
C1D NAP H . -7.54 -9.08 16.98
N1N NAP H . -6.15 -8.61 17.10
C2N NAP H . -5.55 -8.62 18.37
C3N NAP H . -4.22 -8.19 18.50
C7N NAP H . -3.63 -8.21 19.92
O7N NAP H . -4.33 -8.70 20.83
N7N NAP H . -2.39 -7.66 20.07
C4N NAP H . -3.49 -7.77 17.37
C5N NAP H . -4.08 -7.76 16.10
C6N NAP H . -5.43 -8.16 15.96
P2B NAP H . -15.17 -16.51 24.67
O1X NAP H . -14.44 -15.82 25.79
O2X NAP H . -16.70 -17.06 24.99
O3X NAP H . -14.51 -17.92 24.16
#